data_3EAB
#
_entry.id   3EAB
#
_cell.length_a   151.967
_cell.length_b   95.493
_cell.length_c   100.360
_cell.angle_alpha   90.00
_cell.angle_beta   90.00
_cell.angle_gamma   90.00
#
_symmetry.space_group_name_H-M   'P 21 21 2'
#
loop_
_entity.id
_entity.type
_entity.pdbx_description
1 polymer Spastin
2 polymer CHMP1b
#
loop_
_entity_poly.entity_id
_entity_poly.type
_entity_poly.pdbx_seq_one_letter_code
_entity_poly.pdbx_strand_id
1 'polypeptide(L)'
;MGSMEAERVRVFHKQAFEYISIALRIDEDEKAGQKEQAVEWYKKGIEELEKGIAVIVTGQGEQCERARRLQAKMMTNLVM
AKDRLQLLE
;
A,B,C,D,E,F
2 'polypeptide(L)' QVDMLLQEMADEAGLDLNMELPQGQTGSVGTSVASAEQDELSQRLARLRD G,H,I,J,K,L
#
# COMPACT_ATOMS: atom_id res chain seq x y z
N MET A 1 -2.84 -0.14 -24.91
CA MET A 1 -3.73 0.62 -25.86
C MET A 1 -5.12 0.84 -25.27
N GLY A 2 -5.99 -0.18 -25.44
CA GLY A 2 -7.28 -0.24 -24.75
C GLY A 2 -7.17 0.13 -23.27
N SER A 3 -6.49 1.26 -23.00
CA SER A 3 -6.21 1.65 -21.61
C SER A 3 -7.29 2.60 -21.17
N MET A 4 -8.07 3.09 -22.14
CA MET A 4 -9.35 3.73 -21.83
C MET A 4 -10.10 2.84 -20.83
N GLU A 5 -9.88 1.54 -20.94
CA GLU A 5 -10.53 0.59 -20.05
C GLU A 5 -10.04 0.80 -18.62
N ALA A 6 -8.72 0.75 -18.45
CA ALA A 6 -8.14 0.93 -17.13
C ALA A 6 -8.58 2.24 -16.50
N GLU A 7 -8.85 3.24 -17.33
CA GLU A 7 -9.35 4.51 -16.84
C GLU A 7 -10.78 4.36 -16.38
N ARG A 8 -11.57 3.63 -17.16
CA ARG A 8 -12.99 3.56 -16.91
C ARG A 8 -13.17 2.97 -15.51
N VAL A 9 -12.25 2.08 -15.18
CA VAL A 9 -12.16 1.51 -13.83
C VAL A 9 -11.88 2.56 -12.76
N ARG A 10 -10.83 3.34 -13.01
CA ARG A 10 -10.41 4.38 -12.08
C ARG A 10 -11.52 5.42 -11.81
N VAL A 11 -12.25 5.81 -12.85
CA VAL A 11 -13.37 6.74 -12.65
C VAL A 11 -14.41 6.14 -11.73
N PHE A 12 -14.72 4.86 -11.93
CA PHE A 12 -15.70 4.19 -11.09
C PHE A 12 -15.20 4.07 -9.66
N HIS A 13 -13.92 3.75 -9.51
CA HIS A 13 -13.31 3.78 -8.18
C HIS A 13 -13.47 5.12 -7.48
N LYS A 14 -13.19 6.20 -8.20
CA LYS A 14 -13.24 7.51 -7.58
C LYS A 14 -14.59 7.70 -6.91
N GLN A 15 -15.65 7.35 -7.64
CA GLN A 15 -17.01 7.45 -7.11
C GLN A 15 -17.25 6.50 -5.93
N ALA A 16 -16.89 5.24 -6.11
CA ALA A 16 -17.05 4.25 -5.06
C ALA A 16 -16.40 4.77 -3.80
N PHE A 17 -15.17 5.24 -3.94
CA PHE A 17 -14.43 5.75 -2.81
C PHE A 17 -15.16 6.88 -2.11
N GLU A 18 -15.70 7.82 -2.88
CA GLU A 18 -16.41 8.94 -2.26
C GLU A 18 -17.58 8.41 -1.44
N TYR A 19 -18.42 7.61 -2.08
CA TYR A 19 -19.72 7.26 -1.52
C TYR A 19 -19.50 6.38 -0.31
N ILE A 20 -18.53 5.47 -0.40
CA ILE A 20 -18.34 4.52 0.67
C ILE A 20 -17.64 5.17 1.84
N SER A 21 -16.90 6.24 1.55
CA SER A 21 -16.19 6.92 2.60
C SER A 21 -17.20 7.67 3.43
N ILE A 22 -18.16 8.28 2.73
CA ILE A 22 -19.28 8.92 3.44
C ILE A 22 -20.09 7.89 4.23
N ALA A 23 -20.40 6.76 3.61
CA ALA A 23 -21.10 5.69 4.33
C ALA A 23 -20.39 5.38 5.63
N LEU A 24 -19.07 5.18 5.56
CA LEU A 24 -18.34 4.74 6.73
C LEU A 24 -18.35 5.86 7.75
N ARG A 25 -18.33 7.07 7.26
CA ARG A 25 -18.24 8.19 8.15
C ARG A 25 -19.53 8.27 8.95
N ILE A 26 -20.66 8.31 8.25
CA ILE A 26 -21.98 8.21 8.89
C ILE A 26 -22.07 6.97 9.77
N ASP A 27 -21.95 5.80 9.14
CA ASP A 27 -22.01 4.57 9.89
C ASP A 27 -21.29 4.75 11.23
N GLU A 28 -20.14 5.43 11.21
CA GLU A 28 -19.23 5.44 12.35
C GLU A 28 -19.74 6.39 13.44
N ASP A 29 -20.63 7.31 13.06
CA ASP A 29 -21.05 8.38 13.95
C ASP A 29 -22.37 8.05 14.64
N GLU A 30 -23.41 7.86 13.84
CA GLU A 30 -24.69 7.33 14.33
C GLU A 30 -24.53 6.35 15.47
N LYS A 31 -25.52 6.36 16.37
CA LYS A 31 -25.45 5.54 17.57
C LYS A 31 -25.57 4.05 17.23
N ALA A 32 -26.69 3.45 17.59
CA ALA A 32 -27.19 2.27 16.86
C ALA A 32 -28.64 2.48 16.45
N GLY A 33 -28.92 2.29 15.16
CA GLY A 33 -30.30 2.21 14.69
C GLY A 33 -30.77 3.46 13.99
N GLN A 34 -30.07 4.58 14.20
CA GLN A 34 -30.01 5.64 13.19
C GLN A 34 -28.80 5.46 12.27
N LYS A 35 -28.10 4.34 12.44
CA LYS A 35 -27.08 3.94 11.49
C LYS A 35 -27.64 3.84 10.07
N GLU A 36 -28.96 3.91 9.95
CA GLU A 36 -29.62 3.58 8.70
C GLU A 36 -29.50 4.71 7.67
N GLN A 37 -28.88 5.82 8.08
CA GLN A 37 -28.57 6.91 7.17
C GLN A 37 -27.44 6.55 6.20
N ALA A 38 -26.60 5.60 6.60
CA ALA A 38 -25.50 5.14 5.75
C ALA A 38 -26.01 4.38 4.54
N VAL A 39 -27.14 3.70 4.71
CA VAL A 39 -27.63 2.75 3.71
C VAL A 39 -27.57 3.32 2.30
N GLU A 40 -28.16 4.50 2.12
CA GLU A 40 -28.17 5.15 0.81
C GLU A 40 -26.76 5.16 0.22
N TRP A 41 -25.79 5.43 1.08
CA TRP A 41 -24.43 5.67 0.62
C TRP A 41 -23.70 4.39 0.28
N TYR A 42 -23.84 3.38 1.13
CA TYR A 42 -23.32 2.05 0.80
C TYR A 42 -23.89 1.60 -0.54
N LYS A 43 -25.17 1.86 -0.75
CA LYS A 43 -25.82 1.41 -1.97
C LYS A 43 -25.13 2.06 -3.17
N LYS A 44 -25.04 3.38 -3.16
CA LYS A 44 -24.43 4.09 -4.28
C LYS A 44 -22.99 3.61 -4.48
N GLY A 45 -22.29 3.41 -3.37
CA GLY A 45 -20.94 2.88 -3.44
C GLY A 45 -20.93 1.53 -4.12
N ILE A 46 -21.66 0.59 -3.53
CA ILE A 46 -21.74 -0.75 -4.09
C ILE A 46 -21.99 -0.70 -5.59
N GLU A 47 -22.89 0.18 -6.01
CA GLU A 47 -23.23 0.26 -7.43
C GLU A 47 -22.03 0.69 -8.27
N GLU A 48 -21.27 1.65 -7.78
CA GLU A 48 -20.03 2.05 -8.47
C GLU A 48 -19.00 0.94 -8.52
N LEU A 49 -18.82 0.22 -7.41
CA LEU A 49 -17.85 -0.89 -7.41
C LEU A 49 -18.23 -1.90 -8.48
N GLU A 50 -19.54 -2.14 -8.61
CA GLU A 50 -20.00 -3.19 -9.51
C GLU A 50 -19.71 -2.80 -10.96
N LYS A 51 -19.91 -1.52 -11.28
CA LYS A 51 -19.60 -1.05 -12.63
C LYS A 51 -18.09 -1.10 -12.90
N GLY A 52 -17.30 -0.72 -11.91
CA GLY A 52 -15.86 -1.02 -11.91
C GLY A 52 -15.49 -2.46 -12.24
N ILE A 53 -16.03 -3.40 -11.47
CA ILE A 53 -15.62 -4.79 -11.64
C ILE A 53 -15.94 -5.25 -13.05
N ALA A 54 -17.03 -4.72 -13.59
CA ALA A 54 -17.60 -5.19 -14.84
C ALA A 54 -16.65 -4.93 -15.99
N VAL A 55 -15.96 -3.80 -15.92
CA VAL A 55 -15.08 -3.42 -17.00
C VAL A 55 -14.16 -4.61 -17.30
N ILE A 56 -14.21 -5.07 -18.54
CA ILE A 56 -13.19 -5.98 -19.03
C ILE A 56 -11.91 -5.22 -19.27
N VAL A 57 -10.86 -5.60 -18.54
CA VAL A 57 -9.59 -4.98 -18.74
C VAL A 57 -8.66 -5.95 -19.46
N THR A 58 -8.53 -5.71 -20.75
CA THR A 58 -7.95 -6.68 -21.65
C THR A 58 -6.63 -6.12 -22.16
N GLY A 59 -5.54 -6.78 -21.80
CA GLY A 59 -4.23 -6.39 -22.32
C GLY A 59 -3.08 -7.08 -21.62
N GLN A 60 -1.86 -6.78 -22.07
CA GLN A 60 -0.69 -7.59 -21.73
C GLN A 60 0.03 -7.00 -20.51
N GLY A 61 -0.10 -5.69 -20.33
CA GLY A 61 0.99 -4.88 -19.83
C GLY A 61 1.05 -4.90 -18.32
N GLU A 62 2.27 -4.82 -17.78
CA GLU A 62 2.46 -4.80 -16.34
C GLU A 62 1.48 -3.84 -15.67
N GLN A 63 1.08 -2.80 -16.41
CA GLN A 63 0.09 -1.87 -15.91
C GLN A 63 -1.29 -2.52 -15.90
N CYS A 64 -1.52 -3.39 -16.88
CA CYS A 64 -2.81 -4.04 -17.03
C CYS A 64 -3.11 -5.07 -15.93
N GLU A 65 -2.13 -5.92 -15.63
CA GLU A 65 -2.18 -6.70 -14.39
C GLU A 65 -2.59 -5.82 -13.21
N ARG A 66 -1.97 -4.64 -13.12
CA ARG A 66 -2.17 -3.78 -11.97
C ARG A 66 -3.61 -3.34 -11.90
N ALA A 67 -4.19 -3.04 -13.07
CA ALA A 67 -5.58 -2.62 -13.11
C ALA A 67 -6.49 -3.76 -12.63
N ARG A 68 -6.29 -4.94 -13.17
CA ARG A 68 -7.15 -6.07 -12.81
C ARG A 68 -7.01 -6.41 -11.34
N ARG A 69 -5.78 -6.28 -10.84
CA ARG A 69 -5.53 -6.42 -9.41
C ARG A 69 -6.33 -5.40 -8.61
N LEU A 70 -6.53 -4.23 -9.21
CA LEU A 70 -7.38 -3.20 -8.64
C LEU A 70 -8.85 -3.66 -8.61
N GLN A 71 -9.31 -4.24 -9.72
CA GLN A 71 -10.67 -4.74 -9.80
C GLN A 71 -10.91 -5.81 -8.74
N ALA A 72 -9.88 -6.62 -8.47
CA ALA A 72 -9.97 -7.59 -7.39
C ALA A 72 -10.14 -6.94 -6.04
N LYS A 73 -9.54 -5.77 -5.85
CA LYS A 73 -9.62 -5.12 -4.56
C LYS A 73 -11.02 -4.55 -4.41
N MET A 74 -11.57 -4.10 -5.53
CA MET A 74 -12.95 -3.65 -5.55
C MET A 74 -13.91 -4.80 -5.23
N MET A 75 -13.67 -5.95 -5.82
CA MET A 75 -14.41 -7.15 -5.46
C MET A 75 -14.43 -7.39 -3.95
N THR A 76 -13.26 -7.34 -3.32
CA THR A 76 -13.13 -7.56 -1.88
C THR A 76 -13.98 -6.59 -1.08
N ASN A 77 -14.08 -5.37 -1.56
CA ASN A 77 -14.81 -4.35 -0.85
C ASN A 77 -16.29 -4.37 -1.17
N LEU A 78 -16.63 -4.73 -2.40
CA LEU A 78 -18.02 -4.99 -2.76
C LEU A 78 -18.62 -5.98 -1.77
N VAL A 79 -17.86 -7.02 -1.46
CA VAL A 79 -18.39 -8.07 -0.60
C VAL A 79 -18.54 -7.58 0.83
N MET A 80 -17.49 -6.95 1.36
CA MET A 80 -17.54 -6.49 2.75
C MET A 80 -18.63 -5.46 2.93
N ALA A 81 -18.80 -4.61 1.92
CA ALA A 81 -19.81 -3.56 1.98
C ALA A 81 -21.21 -4.17 1.96
N LYS A 82 -21.48 -5.06 1.02
CA LYS A 82 -22.78 -5.73 0.98
C LYS A 82 -23.07 -6.35 2.32
N ASP A 83 -22.04 -6.93 2.94
CA ASP A 83 -22.23 -7.57 4.23
C ASP A 83 -22.73 -6.54 5.21
N ARG A 84 -22.02 -5.43 5.28
CA ARG A 84 -22.37 -4.38 6.23
C ARG A 84 -23.77 -3.85 5.94
N LEU A 85 -24.07 -3.66 4.66
CA LEU A 85 -25.37 -3.14 4.25
C LEU A 85 -26.46 -4.04 4.80
N GLN A 86 -26.27 -5.34 4.62
CA GLN A 86 -27.32 -6.26 4.95
C GLN A 86 -27.55 -6.16 6.44
N LEU A 87 -26.47 -5.88 7.17
CA LEU A 87 -26.54 -5.90 8.63
C LEU A 87 -27.32 -4.70 9.09
N LEU A 88 -27.45 -3.72 8.22
CA LEU A 88 -28.01 -2.42 8.58
C LEU A 88 -29.45 -2.35 8.11
N GLU A 89 -29.72 -3.00 6.99
CA GLU A 89 -31.05 -3.02 6.40
C GLU A 89 -31.95 -3.91 7.25
N GLY B 2 -24.00 -17.38 -24.70
CA GLY B 2 -25.44 -17.59 -24.79
C GLY B 2 -25.99 -18.36 -23.61
N SER B 3 -26.54 -19.54 -23.87
CA SER B 3 -26.72 -20.56 -22.85
C SER B 3 -25.40 -21.28 -22.70
N MET B 4 -24.53 -21.04 -23.67
CA MET B 4 -23.22 -21.68 -23.73
C MET B 4 -22.37 -21.09 -22.62
N GLU B 5 -22.54 -19.80 -22.38
CA GLU B 5 -21.71 -19.12 -21.43
C GLU B 5 -22.06 -19.58 -20.02
N ALA B 6 -23.35 -19.83 -19.80
CA ALA B 6 -23.83 -20.21 -18.48
C ALA B 6 -23.34 -21.61 -18.16
N GLU B 7 -23.37 -22.47 -19.17
CA GLU B 7 -22.68 -23.74 -19.03
C GLU B 7 -21.24 -23.57 -18.53
N ARG B 8 -20.50 -22.62 -19.10
CA ARG B 8 -19.07 -22.55 -18.81
C ARG B 8 -18.93 -22.18 -17.35
N VAL B 9 -19.75 -21.24 -16.92
CA VAL B 9 -19.81 -20.90 -15.52
C VAL B 9 -20.03 -22.14 -14.66
N ARG B 10 -20.94 -23.00 -15.07
CA ARG B 10 -21.32 -24.13 -14.22
C ARG B 10 -20.23 -25.20 -14.16
N VAL B 11 -19.57 -25.46 -15.28
CA VAL B 11 -18.33 -26.26 -15.25
C VAL B 11 -17.30 -25.74 -14.26
N PHE B 12 -17.10 -24.43 -14.22
CA PHE B 12 -16.08 -23.89 -13.33
C PHE B 12 -16.57 -24.08 -11.91
N HIS B 13 -17.88 -24.00 -11.74
CA HIS B 13 -18.44 -24.04 -10.41
C HIS B 13 -18.26 -25.45 -9.84
N LYS B 14 -18.41 -26.44 -10.69
CA LYS B 14 -18.34 -27.82 -10.26
C LYS B 14 -16.91 -28.16 -9.80
N GLN B 15 -15.94 -27.65 -10.53
CA GLN B 15 -14.53 -27.77 -10.14
C GLN B 15 -14.26 -27.04 -8.83
N ALA B 16 -14.71 -25.79 -8.76
CA ALA B 16 -14.54 -24.99 -7.56
C ALA B 16 -15.13 -25.72 -6.34
N PHE B 17 -16.39 -26.14 -6.48
CA PHE B 17 -17.09 -26.79 -5.39
C PHE B 17 -16.35 -28.04 -4.89
N GLU B 18 -15.97 -28.91 -5.82
CA GLU B 18 -15.09 -30.03 -5.50
C GLU B 18 -13.92 -29.55 -4.65
N TYR B 19 -13.11 -28.65 -5.21
CA TYR B 19 -11.83 -28.32 -4.59
C TYR B 19 -12.06 -27.67 -3.24
N ILE B 20 -12.97 -26.72 -3.20
CA ILE B 20 -13.18 -26.00 -1.96
C ILE B 20 -13.85 -26.87 -0.93
N SER B 21 -14.47 -27.95 -1.40
CA SER B 21 -15.21 -28.82 -0.50
C SER B 21 -14.22 -29.72 0.23
N ILE B 22 -13.25 -30.23 -0.52
CA ILE B 22 -12.13 -30.94 0.08
C ILE B 22 -11.35 -30.08 1.06
N ALA B 23 -11.04 -28.87 0.65
CA ALA B 23 -10.23 -27.99 1.48
C ALA B 23 -10.90 -27.86 2.81
N LEU B 24 -12.20 -27.56 2.76
CA LEU B 24 -12.95 -27.27 3.98
C LEU B 24 -12.94 -28.51 4.86
N ARG B 25 -12.98 -29.66 4.20
CA ARG B 25 -12.97 -30.92 4.89
C ARG B 25 -11.63 -31.12 5.62
N ILE B 26 -10.52 -31.01 4.89
CA ILE B 26 -9.19 -31.09 5.50
C ILE B 26 -9.06 -30.02 6.59
N ASP B 27 -9.33 -28.78 6.21
CA ASP B 27 -9.35 -27.70 7.18
C ASP B 27 -10.05 -28.16 8.46
N GLU B 28 -11.26 -28.67 8.32
CA GLU B 28 -12.16 -28.84 9.46
C GLU B 28 -11.63 -29.95 10.35
N ASP B 29 -10.78 -30.78 9.77
CA ASP B 29 -10.26 -31.95 10.47
C ASP B 29 -8.94 -31.64 11.17
N GLU B 30 -8.08 -30.88 10.51
CA GLU B 30 -6.71 -30.67 10.99
C GLU B 30 -6.69 -29.85 12.28
N LYS B 31 -5.60 -29.99 13.03
CA LYS B 31 -5.59 -29.56 14.43
C LYS B 31 -5.83 -28.05 14.52
N ALA B 32 -4.79 -27.30 14.85
CA ALA B 32 -4.49 -26.06 14.14
C ALA B 32 -2.98 -25.95 13.92
N GLY B 33 -2.55 -25.96 12.66
CA GLY B 33 -1.13 -25.91 12.36
C GLY B 33 -0.68 -26.94 11.35
N GLN B 34 -1.35 -28.10 11.33
CA GLN B 34 -1.24 -29.00 10.18
C GLN B 34 -2.42 -28.83 9.22
N LYS B 35 -3.07 -27.68 9.35
CA LYS B 35 -4.07 -27.29 8.37
C LYS B 35 -3.48 -27.05 6.98
N GLU B 36 -2.17 -27.14 6.86
CA GLU B 36 -1.50 -26.67 5.65
C GLU B 36 -1.87 -27.53 4.46
N GLN B 37 -2.36 -28.73 4.72
CA GLN B 37 -2.77 -29.61 3.64
C GLN B 37 -4.02 -29.11 2.91
N ALA B 38 -4.78 -28.23 3.56
CA ALA B 38 -5.94 -27.64 2.91
C ALA B 38 -5.52 -26.61 1.86
N VAL B 39 -4.46 -25.88 2.18
CA VAL B 39 -3.98 -24.74 1.38
C VAL B 39 -4.11 -24.98 -0.13
N GLU B 40 -3.40 -25.97 -0.64
CA GLU B 40 -3.43 -26.26 -2.07
C GLU B 40 -4.86 -26.38 -2.62
N TRP B 41 -5.79 -26.82 -1.78
CA TRP B 41 -7.14 -27.11 -2.26
C TRP B 41 -7.96 -25.84 -2.29
N TYR B 42 -7.77 -24.99 -1.29
CA TYR B 42 -8.26 -23.63 -1.34
C TYR B 42 -7.74 -22.90 -2.58
N LYS B 43 -6.45 -23.05 -2.86
CA LYS B 43 -5.84 -22.41 -4.01
C LYS B 43 -6.52 -22.84 -5.28
N LYS B 44 -6.61 -24.15 -5.49
CA LYS B 44 -7.18 -24.65 -6.73
C LYS B 44 -8.63 -24.20 -6.84
N GLY B 45 -9.30 -24.09 -5.70
CA GLY B 45 -10.70 -23.71 -5.67
C GLY B 45 -10.85 -22.28 -6.14
N ILE B 46 -9.96 -21.42 -5.63
CA ILE B 46 -10.01 -19.99 -5.88
C ILE B 46 -9.71 -19.71 -7.35
N GLU B 47 -8.83 -20.53 -7.90
CA GLU B 47 -8.49 -20.37 -9.29
C GLU B 47 -9.77 -20.56 -10.10
N GLU B 48 -10.51 -21.62 -9.77
CA GLU B 48 -11.72 -22.00 -10.52
C GLU B 48 -12.89 -21.02 -10.35
N LEU B 49 -13.10 -20.50 -9.15
CA LEU B 49 -14.07 -19.44 -8.97
C LEU B 49 -13.76 -18.26 -9.89
N GLU B 50 -12.49 -17.86 -9.93
CA GLU B 50 -12.07 -16.67 -10.66
C GLU B 50 -12.39 -16.85 -12.15
N LYS B 51 -12.15 -18.05 -12.67
CA LYS B 51 -12.41 -18.28 -14.08
C LYS B 51 -13.91 -18.22 -14.36
N GLY B 52 -14.71 -18.70 -13.39
CA GLY B 52 -16.15 -18.65 -13.51
C GLY B 52 -16.72 -17.25 -13.39
N ILE B 53 -16.16 -16.47 -12.48
CA ILE B 53 -16.49 -15.06 -12.37
C ILE B 53 -16.16 -14.22 -13.61
N ALA B 54 -15.21 -14.67 -14.43
CA ALA B 54 -14.69 -13.82 -15.50
C ALA B 54 -15.49 -14.11 -16.75
N VAL B 55 -16.06 -15.30 -16.83
CA VAL B 55 -17.00 -15.59 -17.89
C VAL B 55 -18.02 -14.46 -18.00
N ILE B 56 -18.27 -14.03 -19.23
CA ILE B 56 -19.18 -12.93 -19.45
C ILE B 56 -20.49 -13.52 -19.91
N VAL B 57 -21.53 -13.38 -19.09
CA VAL B 57 -22.82 -13.93 -19.46
C VAL B 57 -23.71 -12.84 -20.06
N THR B 58 -24.00 -13.00 -21.35
CA THR B 58 -24.71 -11.96 -22.10
C THR B 58 -26.16 -12.40 -22.38
N GLY B 59 -27.13 -11.64 -21.89
CA GLY B 59 -28.53 -11.92 -22.22
C GLY B 59 -29.57 -11.32 -21.28
N GLN B 60 -30.84 -11.56 -21.60
CA GLN B 60 -31.95 -10.83 -21.02
C GLN B 60 -32.78 -11.73 -20.11
N GLY B 61 -32.77 -13.03 -20.38
CA GLY B 61 -33.64 -13.96 -19.71
C GLY B 61 -33.54 -14.00 -18.19
N GLU B 62 -34.51 -14.67 -17.58
CA GLU B 62 -34.43 -15.05 -16.17
C GLU B 62 -33.23 -15.95 -15.93
N GLN B 63 -33.11 -16.96 -16.78
CA GLN B 63 -32.01 -17.88 -16.72
C GLN B 63 -30.66 -17.15 -16.79
N CYS B 64 -30.55 -16.18 -17.69
CA CYS B 64 -29.37 -15.31 -17.76
C CYS B 64 -29.13 -14.53 -16.47
N GLU B 65 -30.19 -13.94 -15.93
CA GLU B 65 -30.10 -13.26 -14.64
C GLU B 65 -29.61 -14.17 -13.52
N ARG B 66 -30.06 -15.43 -13.54
CA ARG B 66 -29.77 -16.31 -12.42
C ARG B 66 -28.30 -16.68 -12.46
N ALA B 67 -27.83 -17.02 -13.66
CA ALA B 67 -26.42 -17.28 -13.91
C ALA B 67 -25.50 -16.16 -13.41
N ARG B 68 -25.89 -14.93 -13.66
CA ARG B 68 -25.17 -13.80 -13.07
C ARG B 68 -25.29 -13.73 -11.56
N ARG B 69 -26.45 -14.07 -11.02
CA ARG B 69 -26.64 -14.10 -9.55
C ARG B 69 -25.73 -15.16 -8.95
N LEU B 70 -25.46 -16.19 -9.75
CA LEU B 70 -24.60 -17.28 -9.38
C LEU B 70 -23.14 -16.79 -9.31
N GLN B 71 -22.72 -16.06 -10.36
CA GLN B 71 -21.40 -15.43 -10.38
C GLN B 71 -21.18 -14.54 -9.18
N ALA B 72 -22.20 -13.77 -8.83
CA ALA B 72 -22.12 -12.93 -7.65
C ALA B 72 -21.86 -13.77 -6.41
N LYS B 73 -22.42 -14.96 -6.37
CA LYS B 73 -22.26 -15.82 -5.21
C LYS B 73 -20.82 -16.36 -5.20
N MET B 74 -20.38 -16.82 -6.35
CA MET B 74 -18.99 -17.25 -6.51
C MET B 74 -18.03 -16.17 -6.02
N MET B 75 -18.41 -14.93 -6.22
CA MET B 75 -17.56 -13.82 -5.86
C MET B 75 -17.52 -13.67 -4.36
N THR B 76 -18.67 -13.84 -3.71
CA THR B 76 -18.69 -13.91 -2.26
C THR B 76 -17.78 -14.98 -1.66
N ASN B 77 -17.79 -16.16 -2.25
CA ASN B 77 -16.99 -17.24 -1.71
C ASN B 77 -15.52 -17.10 -2.09
N LEU B 78 -15.26 -16.56 -3.28
CA LEU B 78 -13.90 -16.17 -3.64
C LEU B 78 -13.27 -15.36 -2.52
N VAL B 79 -13.97 -14.33 -2.05
CA VAL B 79 -13.43 -13.48 -1.01
C VAL B 79 -13.26 -14.20 0.33
N MET B 80 -14.26 -14.98 0.73
CA MET B 80 -14.23 -15.63 2.04
C MET B 80 -13.10 -16.66 2.09
N ALA B 81 -12.84 -17.28 0.95
CA ALA B 81 -11.83 -18.32 0.87
C ALA B 81 -10.43 -17.71 0.97
N LYS B 82 -10.20 -16.63 0.23
CA LYS B 82 -8.95 -15.89 0.35
C LYS B 82 -8.70 -15.45 1.78
N ASP B 83 -9.73 -14.93 2.45
CA ASP B 83 -9.59 -14.69 3.88
C ASP B 83 -8.99 -15.90 4.55
N ARG B 84 -9.65 -17.04 4.35
CA ARG B 84 -9.34 -18.25 5.07
C ARG B 84 -7.92 -18.70 4.76
N LEU B 85 -7.55 -18.62 3.48
CA LEU B 85 -6.21 -18.91 3.01
C LEU B 85 -5.15 -18.05 3.70
N GLN B 86 -5.31 -16.73 3.62
CA GLN B 86 -4.36 -15.83 4.22
C GLN B 86 -4.14 -16.18 5.69
N LEU B 87 -4.97 -17.08 6.22
CA LEU B 87 -4.94 -17.37 7.65
C LEU B 87 -4.24 -18.69 7.97
N LEU B 88 -4.03 -19.50 6.94
CA LEU B 88 -3.31 -20.75 7.08
C LEU B 88 -1.97 -20.67 6.36
N GLU B 89 -2.04 -20.65 5.01
CA GLU B 89 -0.94 -20.11 4.19
C GLU B 89 -0.29 -18.91 4.86
N MET C 1 61.24 7.50 9.92
CA MET C 1 59.95 7.89 9.25
C MET C 1 59.45 6.95 8.14
N GLY C 2 59.54 7.42 6.91
CA GLY C 2 59.39 6.54 5.73
C GLY C 2 60.15 5.21 5.74
N SER C 3 60.85 4.89 6.84
CA SER C 3 61.43 3.54 6.94
C SER C 3 60.43 2.55 7.51
N MET C 4 59.56 3.07 8.38
CA MET C 4 58.39 2.34 8.85
C MET C 4 57.56 1.88 7.66
N GLU C 5 57.47 2.76 6.66
CA GLU C 5 56.69 2.49 5.48
C GLU C 5 57.33 1.40 4.61
N ALA C 6 58.61 1.57 4.29
CA ALA C 6 59.31 0.54 3.56
C ALA C 6 59.25 -0.78 4.30
N GLU C 7 59.31 -0.72 5.63
CA GLU C 7 59.15 -1.93 6.41
C GLU C 7 57.80 -2.59 6.14
N ARG C 8 56.74 -1.80 6.25
CA ARG C 8 55.40 -2.32 6.04
C ARG C 8 55.31 -3.03 4.70
N VAL C 9 56.00 -2.48 3.73
CA VAL C 9 56.00 -3.08 2.41
C VAL C 9 56.69 -4.44 2.41
N ARG C 10 57.78 -4.55 3.17
CA ARG C 10 58.57 -5.77 3.14
C ARG C 10 57.84 -6.89 3.85
N VAL C 11 57.06 -6.54 4.88
CA VAL C 11 56.27 -7.56 5.57
C VAL C 11 55.19 -8.13 4.66
N PHE C 12 54.50 -7.27 3.93
CA PHE C 12 53.60 -7.73 2.87
C PHE C 12 54.35 -8.55 1.85
N HIS C 13 55.57 -8.15 1.53
CA HIS C 13 56.35 -8.92 0.55
C HIS C 13 56.63 -10.34 1.05
N LYS C 14 56.92 -10.49 2.35
CA LYS C 14 57.21 -11.82 2.91
C LYS C 14 56.01 -12.78 2.79
N GLN C 15 54.84 -12.29 3.19
CA GLN C 15 53.58 -13.06 3.02
C GLN C 15 53.32 -13.45 1.56
N ALA C 16 53.35 -12.46 0.69
CA ALA C 16 53.17 -12.72 -0.73
C ALA C 16 54.11 -13.81 -1.16
N PHE C 17 55.39 -13.60 -0.89
CA PHE C 17 56.40 -14.45 -1.47
C PHE C 17 56.12 -15.88 -1.02
N GLU C 18 55.70 -16.04 0.23
CA GLU C 18 55.42 -17.39 0.71
C GLU C 18 54.26 -18.03 -0.04
N TYR C 19 53.14 -17.30 -0.09
CA TYR C 19 51.93 -17.81 -0.74
C TYR C 19 52.15 -18.11 -2.20
N ILE C 20 52.81 -17.19 -2.91
CA ILE C 20 52.91 -17.36 -4.34
C ILE C 20 53.89 -18.44 -4.68
N SER C 21 54.88 -18.62 -3.80
CA SER C 21 55.85 -19.70 -3.97
C SER C 21 55.14 -21.02 -3.77
N ILE C 22 54.25 -21.08 -2.79
CA ILE C 22 53.41 -22.27 -2.69
C ILE C 22 52.50 -22.49 -3.90
N ALA C 23 51.73 -21.48 -4.29
CA ALA C 23 50.90 -21.64 -5.51
C ALA C 23 51.73 -22.19 -6.65
N LEU C 24 52.90 -21.60 -6.87
CA LEU C 24 53.63 -21.90 -8.09
C LEU C 24 54.04 -23.36 -8.03
N ARG C 25 54.22 -23.85 -6.81
CA ARG C 25 54.67 -25.19 -6.57
C ARG C 25 53.53 -26.19 -6.82
N ILE C 26 52.41 -26.02 -6.11
CA ILE C 26 51.20 -26.78 -6.45
C ILE C 26 50.99 -26.69 -7.96
N ASP C 27 50.94 -25.46 -8.45
CA ASP C 27 50.64 -25.25 -9.85
C ASP C 27 51.50 -26.21 -10.65
N GLU C 28 52.80 -26.19 -10.41
CA GLU C 28 53.74 -26.92 -11.26
C GLU C 28 53.55 -28.42 -11.15
N ASP C 29 53.04 -28.89 -10.01
CA ASP C 29 53.12 -30.32 -9.66
C ASP C 29 51.88 -31.11 -10.06
N GLU C 30 50.71 -30.49 -9.89
CA GLU C 30 49.46 -31.04 -10.41
C GLU C 30 49.51 -31.19 -11.93
N LYS C 31 48.57 -31.97 -12.48
CA LYS C 31 48.59 -32.32 -13.90
C LYS C 31 48.26 -31.13 -14.80
N ALA C 32 47.30 -31.31 -15.70
CA ALA C 32 46.36 -30.24 -16.05
C ALA C 32 44.99 -30.48 -15.41
N GLY C 33 44.45 -29.45 -14.77
CA GLY C 33 43.09 -29.53 -14.26
C GLY C 33 42.99 -29.66 -12.74
N GLN C 34 43.90 -30.44 -12.16
CA GLN C 34 44.00 -30.51 -10.70
C GLN C 34 44.62 -29.23 -10.14
N LYS C 35 44.93 -28.30 -11.04
CA LYS C 35 45.71 -27.13 -10.67
C LYS C 35 44.88 -26.15 -9.83
N GLU C 36 43.62 -26.48 -9.62
CA GLU C 36 42.76 -25.55 -8.89
C GLU C 36 43.16 -25.48 -7.43
N GLN C 37 43.99 -26.41 -7.00
CA GLN C 37 44.51 -26.37 -5.64
C GLN C 37 45.39 -25.15 -5.41
N ALA C 38 46.00 -24.65 -6.49
CA ALA C 38 46.89 -23.49 -6.41
C ALA C 38 46.13 -22.17 -6.31
N VAL C 39 44.90 -22.18 -6.82
CA VAL C 39 44.05 -21.00 -6.83
C VAL C 39 44.03 -20.28 -5.49
N GLU C 40 43.76 -21.02 -4.43
CA GLU C 40 43.70 -20.43 -3.10
C GLU C 40 44.97 -19.60 -2.82
N TRP C 41 46.11 -20.13 -3.25
CA TRP C 41 47.38 -19.59 -2.80
C TRP C 41 47.74 -18.37 -3.65
N TYR C 42 47.55 -18.51 -4.95
CA TYR C 42 47.51 -17.33 -5.83
C TYR C 42 46.70 -16.20 -5.22
N LYS C 43 45.47 -16.49 -4.82
CA LYS C 43 44.61 -15.43 -4.27
C LYS C 43 45.20 -14.79 -3.03
N LYS C 44 45.67 -15.60 -2.09
CA LYS C 44 46.25 -15.07 -0.86
C LYS C 44 47.49 -14.23 -1.20
N GLY C 45 48.29 -14.75 -2.14
CA GLY C 45 49.45 -14.02 -2.63
C GLY C 45 49.06 -12.67 -3.21
N ILE C 46 48.19 -12.72 -4.20
CA ILE C 46 47.68 -11.52 -4.86
C ILE C 46 47.20 -10.46 -3.86
N GLU C 47 46.60 -10.92 -2.78
CA GLU C 47 46.02 -9.99 -1.83
C GLU C 47 47.11 -9.30 -1.01
N GLU C 48 48.16 -10.05 -0.68
CA GLU C 48 49.34 -9.49 -0.01
C GLU C 48 50.11 -8.51 -0.89
N LEU C 49 50.30 -8.86 -2.16
CA LEU C 49 50.85 -7.90 -3.11
C LEU C 49 50.07 -6.60 -3.08
N GLU C 50 48.75 -6.67 -3.07
CA GLU C 50 47.94 -5.46 -3.22
C GLU C 50 48.11 -4.56 -2.01
N LYS C 51 48.37 -5.17 -0.86
CA LYS C 51 48.58 -4.39 0.34
C LYS C 51 49.94 -3.73 0.36
N GLY C 52 50.91 -4.38 -0.27
CA GLY C 52 52.26 -3.82 -0.35
C GLY C 52 52.32 -2.66 -1.33
N ILE C 53 51.71 -2.84 -2.49
CA ILE C 53 51.58 -1.77 -3.48
C ILE C 53 50.85 -0.54 -2.91
N ALA C 54 49.94 -0.76 -1.96
CA ALA C 54 49.09 0.32 -1.49
C ALA C 54 49.80 1.21 -0.49
N VAL C 55 50.91 0.72 0.05
CA VAL C 55 51.60 1.50 1.08
C VAL C 55 52.23 2.71 0.41
N ILE C 56 51.99 3.88 0.97
CA ILE C 56 52.56 5.09 0.40
C ILE C 56 53.95 5.28 0.98
N VAL C 57 54.95 5.08 0.14
CA VAL C 57 56.32 5.26 0.59
C VAL C 57 56.82 6.64 0.25
N THR C 58 56.89 7.48 1.27
CA THR C 58 57.18 8.88 1.05
C THR C 58 58.57 9.22 1.59
N GLY C 59 59.45 9.64 0.70
CA GLY C 59 60.74 10.21 1.10
C GLY C 59 61.77 10.21 -0.04
N GLN C 60 62.99 10.65 0.30
CA GLN C 60 63.87 11.35 -0.64
C GLN C 60 64.99 10.41 -1.09
N GLY C 61 65.46 9.58 -0.16
CA GLY C 61 66.72 8.86 -0.34
C GLY C 61 66.81 7.94 -1.55
N GLU C 62 67.97 7.32 -1.71
CA GLU C 62 68.14 6.11 -2.50
C GLU C 62 67.31 4.94 -1.97
N GLN C 63 67.41 4.67 -0.67
CA GLN C 63 66.60 3.65 -0.01
C GLN C 63 65.11 3.78 -0.34
N CYS C 64 64.60 5.01 -0.31
CA CYS C 64 63.21 5.25 -0.65
C CYS C 64 62.92 4.97 -2.12
N GLU C 65 63.82 5.36 -3.00
CA GLU C 65 63.66 4.99 -4.41
C GLU C 65 63.71 3.49 -4.58
N ARG C 66 64.54 2.81 -3.78
CA ARG C 66 64.63 1.36 -3.88
C ARG C 66 63.36 0.68 -3.39
N ALA C 67 62.86 1.13 -2.24
CA ALA C 67 61.55 0.71 -1.75
C ALA C 67 60.45 0.83 -2.81
N ARG C 68 60.35 1.99 -3.46
CA ARG C 68 59.29 2.20 -4.46
C ARG C 68 59.54 1.40 -5.73
N ARG C 69 60.79 1.04 -5.96
CA ARG C 69 61.11 0.22 -7.12
C ARG C 69 60.73 -1.23 -6.78
N LEU C 70 60.58 -1.48 -5.48
CA LEU C 70 60.16 -2.80 -5.02
C LEU C 70 58.65 -2.94 -5.21
N GLN C 71 57.93 -1.88 -4.89
CA GLN C 71 56.50 -1.82 -5.14
C GLN C 71 56.17 -2.03 -6.61
N ALA C 72 56.98 -1.45 -7.49
CA ALA C 72 56.77 -1.63 -8.92
C ALA C 72 57.01 -3.07 -9.36
N LYS C 73 57.88 -3.77 -8.63
CA LYS C 73 58.10 -5.17 -8.96
C LYS C 73 56.90 -5.97 -8.53
N MET C 74 56.34 -5.57 -7.38
CA MET C 74 55.18 -6.23 -6.81
C MET C 74 54.00 -6.02 -7.74
N MET C 75 53.97 -4.85 -8.35
CA MET C 75 52.97 -4.55 -9.36
C MET C 75 53.05 -5.50 -10.52
N THR C 76 54.25 -5.63 -11.08
CA THR C 76 54.45 -6.54 -12.20
C THR C 76 53.94 -7.94 -11.88
N ASN C 77 54.26 -8.42 -10.68
CA ASN C 77 53.90 -9.78 -10.32
C ASN C 77 52.41 -9.93 -9.96
N LEU C 78 51.79 -8.85 -9.50
CA LEU C 78 50.35 -8.80 -9.29
C LEU C 78 49.60 -9.12 -10.58
N VAL C 79 50.03 -8.45 -11.65
CA VAL C 79 49.43 -8.65 -12.96
C VAL C 79 49.66 -10.05 -13.50
N MET C 80 50.88 -10.54 -13.40
CA MET C 80 51.17 -11.89 -13.90
C MET C 80 50.41 -12.96 -13.15
N ALA C 81 50.28 -12.78 -11.84
CA ALA C 81 49.62 -13.77 -11.02
C ALA C 81 48.13 -13.75 -11.31
N LYS C 82 47.55 -12.55 -11.36
CA LYS C 82 46.20 -12.37 -11.86
C LYS C 82 45.95 -13.09 -13.18
N ASP C 83 46.91 -13.05 -14.10
CA ASP C 83 46.72 -13.77 -15.35
C ASP C 83 46.59 -15.26 -15.13
N ARG C 84 47.50 -15.78 -14.32
CA ARG C 84 47.71 -17.21 -14.21
C ARG C 84 46.48 -17.75 -13.53
N LEU C 85 46.01 -16.96 -12.57
CA LEU C 85 44.80 -17.26 -11.81
C LEU C 85 43.61 -17.41 -12.75
N GLN C 86 43.50 -16.52 -13.72
CA GLN C 86 42.39 -16.56 -14.64
C GLN C 86 42.43 -17.82 -15.48
N LEU C 87 43.61 -18.21 -15.95
CA LEU C 87 43.73 -19.47 -16.71
C LEU C 87 43.27 -20.67 -15.88
N LEU C 88 43.40 -20.58 -14.57
CA LEU C 88 43.13 -21.72 -13.72
C LEU C 88 41.67 -21.71 -13.31
N GLU C 89 41.18 -20.51 -13.01
CA GLU C 89 39.85 -20.37 -12.44
C GLU C 89 38.84 -20.58 -13.54
N MET D 1 21.44 63.27 26.32
CA MET D 1 20.02 63.05 26.74
C MET D 1 19.38 61.83 26.08
N GLY D 2 20.15 61.06 25.31
CA GLY D 2 19.72 59.70 24.94
C GLY D 2 20.08 58.72 26.06
N SER D 3 20.76 59.23 27.08
CA SER D 3 21.13 58.42 28.24
C SER D 3 19.90 58.10 29.05
N MET D 4 19.03 59.11 29.19
CA MET D 4 17.76 58.93 29.91
C MET D 4 17.06 57.70 29.34
N GLU D 5 16.97 57.66 28.01
CA GLU D 5 16.31 56.54 27.36
C GLU D 5 16.93 55.26 27.88
N ALA D 6 18.25 55.17 27.75
CA ALA D 6 18.96 53.94 28.08
C ALA D 6 18.79 53.63 29.58
N GLU D 7 18.89 54.66 30.41
CA GLU D 7 18.61 54.49 31.84
C GLU D 7 17.24 53.85 32.07
N ARG D 8 16.25 54.30 31.32
CA ARG D 8 14.88 53.87 31.55
C ARG D 8 14.77 52.41 31.18
N VAL D 9 15.42 52.02 30.09
CA VAL D 9 15.48 50.60 29.77
C VAL D 9 16.07 49.82 30.93
N ARG D 10 17.04 50.42 31.61
CA ARG D 10 17.79 49.70 32.63
C ARG D 10 17.00 49.52 33.93
N VAL D 11 16.20 50.52 34.28
CA VAL D 11 15.27 50.35 35.40
C VAL D 11 14.29 49.22 35.11
N PHE D 12 13.66 49.28 33.95
CA PHE D 12 12.74 48.22 33.57
C PHE D 12 13.43 46.87 33.66
N HIS D 13 14.71 46.84 33.31
CA HIS D 13 15.44 45.59 33.28
C HIS D 13 15.67 45.07 34.69
N LYS D 14 15.92 46.00 35.61
CA LYS D 14 16.16 45.64 36.98
C LYS D 14 14.97 44.84 37.51
N GLN D 15 13.79 45.47 37.50
CA GLN D 15 12.52 44.79 37.87
C GLN D 15 12.34 43.47 37.14
N ALA D 16 12.51 43.48 35.83
CA ALA D 16 12.22 42.29 35.05
C ALA D 16 13.04 41.14 35.62
N PHE D 17 14.28 41.47 36.00
CA PHE D 17 15.28 40.46 36.26
C PHE D 17 15.01 39.88 37.63
N GLU D 18 14.55 40.75 38.54
CA GLU D 18 14.09 40.31 39.84
C GLU D 18 12.93 39.31 39.73
N TYR D 19 11.87 39.74 39.04
CA TYR D 19 10.64 38.94 38.94
C TYR D 19 10.87 37.60 38.29
N ILE D 20 11.61 37.61 37.19
CA ILE D 20 11.77 36.37 36.44
C ILE D 20 12.74 35.44 37.14
N SER D 21 13.66 36.05 37.88
CA SER D 21 14.61 35.26 38.66
C SER D 21 13.86 34.48 39.71
N ILE D 22 12.95 35.17 40.40
CA ILE D 22 12.01 34.52 41.30
C ILE D 22 11.11 33.48 40.64
N ALA D 23 10.52 33.81 39.49
CA ALA D 23 9.70 32.83 38.79
C ALA D 23 10.50 31.56 38.58
N LEU D 24 11.69 31.72 38.03
CA LEU D 24 12.50 30.59 37.64
C LEU D 24 12.76 29.75 38.87
N ARG D 25 12.87 30.43 39.99
CA ARG D 25 13.30 29.77 41.20
C ARG D 25 12.15 28.93 41.74
N ILE D 26 10.98 29.55 41.86
CA ILE D 26 9.73 28.84 42.14
C ILE D 26 9.54 27.68 41.17
N ASP D 27 9.40 28.02 39.90
CA ASP D 27 9.35 27.02 38.85
C ASP D 27 10.22 25.80 39.16
N GLU D 28 11.50 26.02 39.48
CA GLU D 28 12.42 24.89 39.55
C GLU D 28 12.16 24.09 40.81
N ASP D 29 11.62 24.77 41.82
CA ASP D 29 11.41 24.16 43.10
C ASP D 29 10.17 23.29 43.12
N GLU D 30 9.05 23.88 42.71
CA GLU D 30 7.77 23.18 42.68
C GLU D 30 7.89 21.84 41.93
N LYS D 31 7.14 20.84 42.39
CA LYS D 31 6.92 19.62 41.59
C LYS D 31 6.34 19.97 40.23
N ALA D 32 6.04 18.91 39.44
CA ALA D 32 5.15 19.11 38.29
C ALA D 32 3.69 19.23 38.75
N GLY D 33 3.16 20.44 38.76
CA GLY D 33 1.73 20.62 39.00
C GLY D 33 1.38 21.75 39.97
N GLN D 34 2.32 22.08 40.86
CA GLN D 34 2.16 23.27 41.69
C GLN D 34 3.05 24.40 41.18
N LYS D 35 3.39 24.33 39.90
CA LYS D 35 4.29 25.32 39.32
C LYS D 35 3.56 26.64 39.04
N GLU D 36 2.34 26.76 39.55
CA GLU D 36 1.46 27.86 39.14
C GLU D 36 1.68 29.09 40.02
N GLN D 37 2.38 28.91 41.15
CA GLN D 37 2.79 30.06 41.94
C GLN D 37 3.86 30.86 41.20
N ALA D 38 4.52 30.23 40.25
CA ALA D 38 5.51 30.89 39.40
C ALA D 38 4.83 31.89 38.46
N VAL D 39 3.61 31.54 38.07
CA VAL D 39 2.93 32.22 36.98
C VAL D 39 2.80 33.70 37.26
N GLU D 40 2.38 34.05 38.45
CA GLU D 40 2.20 35.45 38.76
C GLU D 40 3.54 36.15 38.58
N TRP D 41 4.64 35.41 38.75
CA TRP D 41 5.96 36.01 38.69
C TRP D 41 6.51 36.18 37.27
N TYR D 42 6.37 35.15 36.44
CA TYR D 42 6.56 35.35 35.00
C TYR D 42 5.77 36.55 34.49
N LYS D 43 4.51 36.63 34.88
CA LYS D 43 3.62 37.65 34.34
C LYS D 43 4.18 39.03 34.63
N LYS D 44 4.52 39.28 35.89
CA LYS D 44 5.05 40.59 36.27
C LYS D 44 6.36 40.85 35.54
N GLY D 45 7.10 39.78 35.29
CA GLY D 45 8.39 39.87 34.63
C GLY D 45 8.19 40.23 33.17
N ILE D 46 7.35 39.44 32.51
CA ILE D 46 6.92 39.72 31.14
C ILE D 46 6.39 41.13 30.92
N GLU D 47 5.62 41.64 31.87
CA GLU D 47 5.22 43.03 31.80
C GLU D 47 6.41 43.96 31.66
N GLU D 48 7.41 43.76 32.52
CA GLU D 48 8.51 44.73 32.68
C GLU D 48 9.43 44.73 31.45
N LEU D 49 9.69 43.54 30.93
CA LEU D 49 10.30 43.35 29.61
C LEU D 49 9.63 44.19 28.53
N GLU D 50 8.38 43.87 28.23
CA GLU D 50 7.61 44.64 27.28
C GLU D 50 7.87 46.14 27.43
N LYS D 51 7.79 46.63 28.65
CA LYS D 51 7.95 48.07 28.82
C LYS D 51 9.38 48.45 28.48
N GLY D 52 10.32 47.56 28.84
CA GLY D 52 11.72 47.78 28.53
C GLY D 52 11.87 47.87 27.03
N ILE D 53 11.24 46.91 26.36
CA ILE D 53 11.36 46.75 24.93
C ILE D 53 10.80 47.96 24.20
N ALA D 54 9.96 48.71 24.88
CA ALA D 54 9.12 49.67 24.18
C ALA D 54 9.78 51.03 24.22
N VAL D 55 10.62 51.28 25.21
CA VAL D 55 11.38 52.52 25.21
C VAL D 55 12.07 52.67 23.86
N ILE D 56 12.07 53.89 23.35
CA ILE D 56 12.62 54.16 22.03
C ILE D 56 14.00 54.78 22.21
N VAL D 57 15.03 54.05 21.81
CA VAL D 57 16.39 54.48 22.12
C VAL D 57 17.02 55.09 20.89
N THR D 58 17.20 56.40 20.94
CA THR D 58 17.56 57.15 19.75
C THR D 58 18.89 57.87 19.94
N GLY D 59 19.83 57.65 19.02
CA GLY D 59 21.24 57.96 19.26
C GLY D 59 22.17 57.13 18.39
N GLN D 60 23.35 57.65 18.10
CA GLN D 60 24.25 57.00 17.15
C GLN D 60 25.45 56.33 17.84
N GLY D 61 25.75 56.75 19.06
CA GLY D 61 26.74 56.09 19.91
C GLY D 61 26.88 54.56 19.87
N GLU D 62 28.06 54.09 20.26
CA GLU D 62 28.28 52.69 20.68
C GLU D 62 27.45 52.26 21.90
N GLN D 63 27.49 53.06 22.97
CA GLN D 63 26.54 52.93 24.06
C GLN D 63 25.08 52.77 23.60
N CYS D 64 24.62 53.64 22.71
CA CYS D 64 23.27 53.52 22.14
C CYS D 64 23.03 52.22 21.40
N GLU D 65 24.05 51.70 20.72
CA GLU D 65 23.87 50.45 20.02
C GLU D 65 23.76 49.35 21.05
N ARG D 66 24.51 49.49 22.13
CA ARG D 66 24.55 48.43 23.13
C ARG D 66 23.21 48.37 23.84
N ALA D 67 22.66 49.55 24.12
CA ALA D 67 21.34 49.66 24.74
C ALA D 67 20.25 49.06 23.86
N ARG D 68 20.29 49.32 22.57
CA ARG D 68 19.36 48.62 21.69
C ARG D 68 19.64 47.13 21.69
N ARG D 69 20.90 46.75 21.77
CA ARG D 69 21.23 45.33 21.80
C ARG D 69 20.73 44.65 23.07
N LEU D 70 20.58 45.42 24.14
CA LEU D 70 20.01 44.95 25.39
C LEU D 70 18.50 44.71 25.25
N GLN D 71 17.83 45.63 24.56
CA GLN D 71 16.44 45.43 24.20
C GLN D 71 16.18 44.17 23.38
N ALA D 72 17.07 43.86 22.46
CA ALA D 72 16.87 42.68 21.61
C ALA D 72 17.00 41.47 22.49
N LYS D 73 17.74 41.63 23.59
CA LYS D 73 18.02 40.54 24.49
C LYS D 73 16.79 40.33 25.36
N MET D 74 16.22 41.43 25.85
CA MET D 74 14.95 41.38 26.56
C MET D 74 13.92 40.66 25.69
N MET D 75 13.93 40.97 24.40
CA MET D 75 12.97 40.39 23.48
C MET D 75 13.12 38.89 23.49
N THR D 76 14.35 38.43 23.39
CA THR D 76 14.61 37.00 23.45
C THR D 76 14.02 36.37 24.71
N ASN D 77 13.96 37.14 25.80
CA ASN D 77 13.54 36.58 27.07
C ASN D 77 12.04 36.70 27.26
N LEU D 78 11.47 37.84 26.84
CA LEU D 78 10.04 37.95 26.61
C LEU D 78 9.46 36.71 25.95
N VAL D 79 10.06 36.28 24.85
CA VAL D 79 9.50 35.17 24.11
C VAL D 79 9.67 33.89 24.89
N MET D 80 10.86 33.68 25.42
CA MET D 80 11.13 32.41 26.06
C MET D 80 10.24 32.24 27.27
N ALA D 81 9.92 33.34 27.93
CA ALA D 81 9.16 33.28 29.16
C ALA D 81 7.69 32.97 28.85
N LYS D 82 7.06 33.82 28.04
CA LYS D 82 5.79 33.48 27.40
C LYS D 82 5.70 32.00 27.08
N ASP D 83 6.62 31.50 26.26
CA ASP D 83 6.66 30.08 26.00
C ASP D 83 6.48 29.21 27.22
N ARG D 84 7.06 29.65 28.33
CA ARG D 84 7.04 28.84 29.54
C ARG D 84 5.73 29.02 30.28
N LEU D 85 5.32 30.28 30.43
CA LEU D 85 4.01 30.62 30.98
C LEU D 85 2.87 29.77 30.40
N GLN D 86 2.66 29.86 29.10
CA GLN D 86 1.84 28.88 28.40
C GLN D 86 2.17 27.46 28.87
N LEU D 87 3.15 26.83 28.22
CA LEU D 87 3.51 25.44 28.52
C LEU D 87 2.84 24.89 29.78
N LEU D 88 2.70 25.74 30.79
CA LEU D 88 2.32 25.26 32.11
C LEU D 88 1.18 26.08 32.74
N MET E 4 -63.34 -2.16 -5.00
CA MET E 4 -62.73 -1.04 -5.74
C MET E 4 -61.19 -1.13 -5.82
N GLU E 5 -60.59 -2.02 -5.04
CA GLU E 5 -59.25 -2.49 -5.34
C GLU E 5 -59.41 -3.46 -6.48
N ALA E 6 -60.60 -4.06 -6.57
CA ALA E 6 -60.95 -4.88 -7.71
C ALA E 6 -60.91 -4.10 -9.04
N GLU E 7 -61.32 -2.84 -9.03
CA GLU E 7 -61.11 -1.99 -10.18
C GLU E 7 -59.66 -1.97 -10.60
N ARG E 8 -58.77 -1.73 -9.64
CA ARG E 8 -57.35 -1.65 -9.93
C ARG E 8 -56.87 -2.93 -10.58
N VAL E 9 -57.34 -4.07 -10.08
CA VAL E 9 -57.04 -5.34 -10.72
C VAL E 9 -57.47 -5.38 -12.18
N ARG E 10 -58.65 -4.84 -12.46
CA ARG E 10 -59.16 -4.85 -13.83
C ARG E 10 -58.38 -3.94 -14.79
N VAL E 11 -57.86 -2.83 -14.29
CA VAL E 11 -57.01 -1.97 -15.12
C VAL E 11 -55.78 -2.71 -15.58
N PHE E 12 -55.11 -3.40 -14.66
CA PHE E 12 -53.89 -4.14 -15.00
C PHE E 12 -54.21 -5.27 -15.95
N HIS E 13 -55.33 -5.93 -15.74
CA HIS E 13 -55.75 -6.95 -16.69
C HIS E 13 -55.89 -6.37 -18.09
N LYS E 14 -56.49 -5.20 -18.21
CA LYS E 14 -56.66 -4.61 -19.53
C LYS E 14 -55.31 -4.45 -20.22
N GLN E 15 -54.36 -3.86 -19.51
CA GLN E 15 -53.01 -3.73 -20.04
C GLN E 15 -52.33 -5.07 -20.32
N ALA E 16 -52.41 -5.99 -19.35
CA ALA E 16 -51.82 -7.32 -19.53
C ALA E 16 -52.38 -7.99 -20.77
N PHE E 17 -53.69 -7.86 -20.97
CA PHE E 17 -54.38 -8.60 -22.02
C PHE E 17 -54.04 -8.06 -23.40
N GLU E 18 -54.07 -6.73 -23.53
CA GLU E 18 -53.49 -6.07 -24.69
C GLU E 18 -52.10 -6.62 -25.07
N TYR E 19 -51.15 -6.46 -24.16
CA TYR E 19 -49.74 -6.78 -24.50
C TYR E 19 -49.54 -8.23 -24.82
N ILE E 20 -50.15 -9.11 -24.04
CA ILE E 20 -49.95 -10.51 -24.29
C ILE E 20 -50.64 -10.93 -25.56
N SER E 21 -51.72 -10.24 -25.89
CA SER E 21 -52.43 -10.53 -27.12
C SER E 21 -51.55 -10.18 -28.31
N ILE E 22 -50.88 -9.04 -28.23
CA ILE E 22 -49.91 -8.73 -29.28
C ILE E 22 -48.76 -9.71 -29.33
N ALA E 23 -48.23 -10.05 -28.15
CA ALA E 23 -47.14 -11.02 -28.10
C ALA E 23 -47.57 -12.29 -28.76
N LEU E 24 -48.81 -12.72 -28.49
CA LEU E 24 -49.25 -13.98 -29.06
C LEU E 24 -49.42 -13.82 -30.55
N ARG E 25 -49.86 -12.62 -30.97
CA ARG E 25 -50.11 -12.38 -32.38
C ARG E 25 -48.81 -12.55 -33.16
N ILE E 26 -47.76 -11.90 -32.68
CA ILE E 26 -46.46 -11.93 -33.35
C ILE E 26 -45.77 -13.28 -33.23
N ASP E 27 -45.72 -13.80 -32.01
CA ASP E 27 -45.29 -15.18 -31.80
C ASP E 27 -45.87 -16.11 -32.86
N GLU E 28 -47.20 -16.11 -32.98
CA GLU E 28 -47.88 -17.10 -33.83
C GLU E 28 -47.49 -16.94 -35.29
N ASP E 29 -47.18 -15.72 -35.68
CA ASP E 29 -46.87 -15.41 -37.07
C ASP E 29 -45.42 -15.76 -37.43
N GLU E 30 -44.49 -15.25 -36.64
CA GLU E 30 -43.06 -15.37 -36.95
C GLU E 30 -42.65 -16.83 -37.06
N LYS E 31 -41.54 -17.08 -37.76
CA LYS E 31 -41.19 -18.44 -38.15
C LYS E 31 -40.90 -19.32 -36.94
N ALA E 32 -39.63 -19.67 -36.74
CA ALA E 32 -39.08 -19.92 -35.41
C ALA E 32 -37.64 -19.41 -35.33
N GLY E 33 -37.42 -18.33 -34.59
CA GLY E 33 -36.17 -17.60 -34.67
C GLY E 33 -36.31 -16.13 -35.01
N GLN E 34 -37.44 -15.74 -35.61
CA GLN E 34 -37.83 -14.33 -35.64
C GLN E 34 -38.85 -14.02 -34.54
N LYS E 35 -39.12 -15.03 -33.73
CA LYS E 35 -40.14 -14.91 -32.69
C LYS E 35 -39.75 -13.93 -31.60
N GLU E 36 -38.58 -13.30 -31.75
CA GLU E 36 -38.03 -12.49 -30.68
C GLU E 36 -38.67 -11.12 -30.61
N GLN E 37 -39.28 -10.69 -31.70
CA GLN E 37 -40.08 -9.47 -31.66
C GLN E 37 -41.23 -9.59 -30.69
N ALA E 38 -41.59 -10.83 -30.32
CA ALA E 38 -42.62 -11.05 -29.32
C ALA E 38 -42.12 -10.71 -27.92
N VAL E 39 -40.83 -10.90 -27.71
CA VAL E 39 -40.27 -10.96 -26.37
C VAL E 39 -40.65 -9.71 -25.61
N GLU E 40 -40.45 -8.55 -26.22
CA GLU E 40 -40.77 -7.30 -25.53
C GLU E 40 -42.21 -7.26 -24.99
N TRP E 41 -43.14 -7.78 -25.79
CA TRP E 41 -44.56 -7.69 -25.44
C TRP E 41 -44.95 -8.66 -24.34
N TYR E 42 -44.38 -9.86 -24.38
CA TYR E 42 -44.47 -10.78 -23.26
C TYR E 42 -44.04 -10.10 -21.99
N LYS E 43 -42.91 -9.39 -22.05
CA LYS E 43 -42.36 -8.79 -20.86
C LYS E 43 -43.33 -7.76 -20.30
N LYS E 44 -43.85 -6.90 -21.17
CA LYS E 44 -44.77 -5.86 -20.69
C LYS E 44 -46.03 -6.51 -20.13
N GLY E 45 -46.48 -7.55 -20.81
CA GLY E 45 -47.63 -8.31 -20.32
C GLY E 45 -47.40 -8.83 -18.92
N ILE E 46 -46.26 -9.52 -18.76
CA ILE E 46 -45.91 -10.21 -17.52
C ILE E 46 -45.86 -9.23 -16.35
N GLU E 47 -45.34 -8.06 -16.63
CA GLU E 47 -45.23 -7.03 -15.63
C GLU E 47 -46.61 -6.53 -15.17
N GLU E 48 -47.55 -6.45 -16.12
CA GLU E 48 -48.90 -5.99 -15.78
C GLU E 48 -49.61 -7.06 -14.98
N LEU E 49 -49.48 -8.31 -15.40
CA LEU E 49 -50.03 -9.42 -14.60
C LEU E 49 -49.55 -9.30 -13.16
N GLU E 50 -48.24 -9.13 -12.99
CA GLU E 50 -47.65 -9.18 -11.67
C GLU E 50 -48.22 -8.08 -10.79
N LYS E 51 -48.37 -6.89 -11.37
CA LYS E 51 -48.98 -5.79 -10.64
C LYS E 51 -50.43 -6.09 -10.26
N GLY E 52 -51.15 -6.73 -11.17
CA GLY E 52 -52.53 -7.14 -10.89
C GLY E 52 -52.62 -8.13 -9.75
N ILE E 53 -51.74 -9.13 -9.78
CA ILE E 53 -51.64 -10.11 -8.70
C ILE E 53 -51.29 -9.50 -7.34
N ALA E 54 -50.54 -8.39 -7.35
CA ALA E 54 -50.08 -7.80 -6.10
C ALA E 54 -51.23 -7.15 -5.34
N VAL E 55 -52.16 -6.57 -6.08
CA VAL E 55 -53.25 -5.83 -5.45
C VAL E 55 -53.91 -6.73 -4.41
N ILE E 56 -54.10 -6.20 -3.20
CA ILE E 56 -54.80 -6.97 -2.19
C ILE E 56 -56.27 -6.61 -2.22
N VAL E 57 -57.10 -7.56 -2.63
CA VAL E 57 -58.54 -7.34 -2.59
C VAL E 57 -59.12 -7.86 -1.29
N THR E 58 -59.38 -6.95 -0.36
CA THR E 58 -59.93 -7.32 0.93
C THR E 58 -61.44 -7.20 0.92
N GLY E 59 -62.12 -8.30 1.25
CA GLY E 59 -63.52 -8.21 1.68
C GLY E 59 -64.26 -9.49 1.37
N GLN E 60 -65.58 -9.45 1.58
CA GLN E 60 -66.31 -10.63 2.00
C GLN E 60 -67.20 -11.16 0.86
N GLY E 61 -67.76 -10.26 0.07
CA GLY E 61 -68.86 -10.60 -0.83
C GLY E 61 -68.47 -11.38 -2.09
N GLU E 62 -69.49 -11.85 -2.80
CA GLU E 62 -69.28 -12.61 -4.03
C GLU E 62 -68.36 -11.90 -5.02
N GLN E 63 -68.71 -10.69 -5.41
CA GLN E 63 -67.84 -9.87 -6.28
C GLN E 63 -66.38 -9.88 -5.83
N CYS E 64 -66.15 -9.80 -4.53
CA CYS E 64 -64.81 -9.90 -3.98
C CYS E 64 -64.11 -11.22 -4.29
N GLU E 65 -64.76 -12.33 -4.03
CA GLU E 65 -64.17 -13.63 -4.31
C GLU E 65 -63.97 -13.82 -5.81
N ARG E 66 -64.82 -13.18 -6.61
CA ARG E 66 -64.74 -13.34 -8.04
C ARG E 66 -63.51 -12.62 -8.53
N ALA E 67 -63.26 -11.47 -7.93
CA ALA E 67 -62.05 -10.71 -8.19
C ALA E 67 -60.78 -11.50 -7.81
N ARG E 68 -60.81 -12.19 -6.68
CA ARG E 68 -59.64 -12.94 -6.26
C ARG E 68 -59.47 -14.15 -7.16
N ARG E 69 -60.59 -14.61 -7.68
CA ARG E 69 -60.57 -15.71 -8.62
C ARG E 69 -60.00 -15.24 -9.95
N LEU E 70 -60.18 -13.97 -10.27
CA LEU E 70 -59.49 -13.34 -11.39
C LEU E 70 -57.99 -13.30 -11.19
N GLN E 71 -57.57 -12.84 -10.02
CA GLN E 71 -56.18 -12.90 -9.60
C GLN E 71 -55.56 -14.28 -9.78
N ALA E 72 -56.29 -15.32 -9.38
CA ALA E 72 -55.72 -16.66 -9.52
C ALA E 72 -55.53 -17.03 -10.98
N LYS E 73 -56.31 -16.40 -11.86
CA LYS E 73 -56.24 -16.72 -13.29
C LYS E 73 -55.06 -16.01 -13.95
N MET E 74 -54.85 -14.75 -13.58
CA MET E 74 -53.63 -14.03 -13.91
C MET E 74 -52.38 -14.83 -13.51
N MET E 75 -52.42 -15.39 -12.32
CA MET E 75 -51.31 -16.18 -11.79
C MET E 75 -50.99 -17.36 -12.70
N THR E 76 -52.02 -18.10 -13.08
CA THR E 76 -51.84 -19.15 -14.09
C THR E 76 -51.16 -18.62 -15.34
N ASN E 77 -51.63 -17.48 -15.85
CA ASN E 77 -51.15 -16.97 -17.12
C ASN E 77 -49.76 -16.31 -17.05
N LEU E 78 -49.45 -15.67 -15.92
CA LEU E 78 -48.08 -15.28 -15.59
C LEU E 78 -47.11 -16.44 -15.80
N VAL E 79 -47.39 -17.53 -15.10
CA VAL E 79 -46.49 -18.65 -15.15
C VAL E 79 -46.34 -19.14 -16.57
N MET E 80 -47.45 -19.30 -17.27
CA MET E 80 -47.38 -19.86 -18.63
C MET E 80 -46.64 -18.90 -19.55
N ALA E 81 -46.92 -17.61 -19.40
CA ALA E 81 -46.21 -16.59 -20.17
C ALA E 81 -44.70 -16.63 -19.94
N LYS E 82 -44.29 -16.69 -18.68
CA LYS E 82 -42.86 -16.80 -18.34
C LYS E 82 -42.24 -18.02 -18.99
N ASP E 83 -42.99 -19.13 -19.02
CA ASP E 83 -42.44 -20.31 -19.68
C ASP E 83 -42.15 -20.02 -21.14
N ARG E 84 -43.05 -19.30 -21.79
CA ARG E 84 -42.97 -19.12 -23.23
C ARG E 84 -41.92 -18.07 -23.53
N LEU E 85 -41.84 -17.06 -22.67
CA LEU E 85 -40.75 -16.10 -22.72
C LEU E 85 -39.40 -16.80 -22.75
N GLN E 86 -39.14 -17.60 -21.72
CA GLN E 86 -37.88 -18.32 -21.60
C GLN E 86 -37.48 -19.02 -22.88
N LEU E 87 -38.38 -19.83 -23.45
CA LEU E 87 -38.07 -20.49 -24.71
C LEU E 87 -37.61 -19.53 -25.79
N LEU E 88 -37.97 -18.24 -25.65
CA LEU E 88 -37.82 -17.28 -26.74
C LEU E 88 -36.58 -16.42 -26.53
N GLU E 89 -36.35 -16.09 -25.27
CA GLU E 89 -35.20 -15.27 -24.88
C GLU E 89 -33.91 -16.09 -24.96
N MET F 1 6.15 -17.40 10.07
CA MET F 1 7.59 -17.30 10.51
C MET F 1 8.48 -16.82 9.35
N GLY F 2 7.81 -16.41 8.27
CA GLY F 2 8.46 -15.69 7.15
C GLY F 2 7.77 -14.35 7.03
N SER F 3 7.01 -14.02 8.07
CA SER F 3 6.53 -12.67 8.32
C SER F 3 7.60 -11.84 8.99
N MET F 4 8.50 -12.54 9.69
CA MET F 4 9.71 -11.94 10.25
C MET F 4 10.51 -11.31 9.10
N GLU F 5 10.62 -12.07 8.00
CA GLU F 5 11.39 -11.62 6.85
C GLU F 5 10.73 -10.40 6.22
N ALA F 6 9.43 -10.51 6.01
CA ALA F 6 8.64 -9.40 5.48
C ALA F 6 8.82 -8.13 6.31
N GLU F 7 8.73 -8.26 7.62
CA GLU F 7 8.88 -7.11 8.51
C GLU F 7 10.24 -6.47 8.32
N ARG F 8 11.25 -7.31 8.08
CA ARG F 8 12.61 -6.82 8.01
C ARG F 8 12.72 -5.96 6.76
N VAL F 9 12.06 -6.39 5.69
CA VAL F 9 11.88 -5.57 4.51
C VAL F 9 11.24 -4.22 4.83
N ARG F 10 10.21 -4.25 5.66
CA ARG F 10 9.47 -3.03 5.97
C ARG F 10 10.30 -2.06 6.80
N VAL F 11 11.06 -2.60 7.75
CA VAL F 11 11.85 -1.72 8.61
C VAL F 11 12.92 -1.04 7.77
N PHE F 12 13.39 -1.74 6.75
CA PHE F 12 14.33 -1.16 5.81
C PHE F 12 13.64 -0.09 4.96
N HIS F 13 12.46 -0.40 4.46
CA HIS F 13 11.71 0.57 3.70
C HIS F 13 11.50 1.86 4.48
N LYS F 14 11.12 1.74 5.75
CA LYS F 14 10.86 2.93 6.54
C LYS F 14 12.08 3.85 6.48
N GLN F 15 13.25 3.30 6.78
CA GLN F 15 14.50 4.06 6.74
C GLN F 15 14.72 4.64 5.35
N ALA F 16 14.66 3.76 4.35
CA ALA F 16 14.86 4.20 2.99
C ALA F 16 13.96 5.39 2.71
N PHE F 17 12.68 5.23 3.05
CA PHE F 17 11.71 6.24 2.68
C PHE F 17 12.00 7.57 3.36
N GLU F 18 12.39 7.53 4.63
CA GLU F 18 12.79 8.77 5.28
C GLU F 18 13.91 9.47 4.48
N TYR F 19 15.00 8.75 4.28
CA TYR F 19 16.24 9.33 3.75
C TYR F 19 16.04 9.84 2.33
N ILE F 20 15.45 9.01 1.48
CA ILE F 20 15.26 9.44 0.12
C ILE F 20 14.25 10.56 0.04
N SER F 21 13.43 10.69 1.09
CA SER F 21 12.44 11.72 1.12
C SER F 21 13.12 13.05 1.41
N ILE F 22 14.07 13.03 2.34
CA ILE F 22 14.81 14.24 2.69
C ILE F 22 15.69 14.69 1.53
N ALA F 23 16.30 13.71 0.86
CA ALA F 23 17.11 14.02 -0.31
C ALA F 23 16.31 14.75 -1.38
N LEU F 24 15.27 14.09 -1.91
CA LEU F 24 14.40 14.72 -2.90
C LEU F 24 14.06 16.12 -2.42
N ARG F 25 13.93 16.27 -1.12
CA ARG F 25 13.48 17.55 -0.59
C ARG F 25 14.60 18.57 -0.81
N ILE F 26 15.78 18.25 -0.27
CA ILE F 26 16.98 19.06 -0.51
C ILE F 26 17.17 19.31 -2.00
N ASP F 27 17.14 18.25 -2.78
CA ASP F 27 17.33 18.35 -4.20
C ASP F 27 16.42 19.45 -4.74
N GLU F 28 15.12 19.32 -4.51
CA GLU F 28 14.13 20.19 -5.12
C GLU F 28 14.38 21.65 -4.73
N ASP F 29 14.88 21.85 -3.52
CA ASP F 29 15.14 23.19 -3.00
C ASP F 29 16.38 23.86 -3.63
N GLU F 30 17.50 23.14 -3.62
CA GLU F 30 18.77 23.75 -4.00
C GLU F 30 18.78 24.14 -5.48
N LYS F 31 19.46 25.24 -5.79
CA LYS F 31 19.57 25.75 -7.15
C LYS F 31 20.03 24.66 -8.12
N ALA F 32 21.25 24.80 -8.63
CA ALA F 32 21.98 23.64 -9.16
C ALA F 32 23.48 23.93 -9.07
N GLY F 33 24.24 22.97 -8.55
CA GLY F 33 25.56 23.27 -8.03
C GLY F 33 25.71 23.08 -6.52
N GLN F 34 24.74 23.59 -5.76
CA GLN F 34 24.69 23.31 -4.33
C GLN F 34 23.83 22.08 -4.01
N LYS F 35 23.61 21.25 -5.02
CA LYS F 35 22.71 20.11 -4.90
C LYS F 35 23.40 18.90 -4.28
N GLU F 36 24.64 19.10 -3.83
CA GLU F 36 25.41 18.00 -3.26
C GLU F 36 24.95 17.64 -1.84
N GLN F 37 24.31 18.57 -1.16
CA GLN F 37 23.85 18.32 0.21
C GLN F 37 22.93 17.12 0.19
N ALA F 38 22.23 16.97 -0.92
CA ALA F 38 21.32 15.85 -1.12
C ALA F 38 22.12 14.55 -1.17
N VAL F 39 23.29 14.62 -1.80
CA VAL F 39 24.05 13.42 -2.11
C VAL F 39 24.08 12.47 -0.91
N GLU F 40 24.43 13.00 0.26
CA GLU F 40 24.64 12.15 1.40
C GLU F 40 23.36 11.37 1.68
N TRP F 41 22.23 12.00 1.42
CA TRP F 41 20.94 11.41 1.76
C TRP F 41 20.52 10.35 0.75
N TYR F 42 20.73 10.62 -0.52
CA TYR F 42 20.51 9.59 -1.52
C TYR F 42 21.37 8.38 -1.18
N LYS F 43 22.58 8.63 -0.70
CA LYS F 43 23.54 7.56 -0.52
C LYS F 43 22.97 6.69 0.57
N LYS F 44 22.54 7.35 1.65
CA LYS F 44 22.03 6.63 2.81
C LYS F 44 20.83 5.83 2.35
N GLY F 45 20.03 6.43 1.48
CA GLY F 45 18.74 5.87 1.13
C GLY F 45 19.00 4.65 0.29
N ILE F 46 19.95 4.79 -0.63
CA ILE F 46 20.30 3.71 -1.54
C ILE F 46 20.78 2.50 -0.75
N GLU F 47 21.46 2.78 0.36
CA GLU F 47 21.97 1.72 1.20
C GLU F 47 20.82 0.92 1.79
N GLU F 48 19.83 1.62 2.35
CA GLU F 48 18.69 0.98 2.99
C GLU F 48 17.84 0.14 2.00
N LEU F 49 17.67 0.65 0.78
CA LEU F 49 17.01 -0.13 -0.27
C LEU F 49 17.73 -1.45 -0.47
N GLU F 50 18.99 -1.36 -0.84
CA GLU F 50 19.78 -2.55 -1.10
C GLU F 50 19.57 -3.57 0.01
N LYS F 51 19.61 -3.11 1.25
CA LYS F 51 19.44 -4.02 2.37
C LYS F 51 18.06 -4.68 2.34
N GLY F 52 17.02 -3.88 2.13
CA GLY F 52 15.67 -4.44 1.99
C GLY F 52 15.58 -5.46 0.87
N ILE F 53 16.19 -5.11 -0.26
CA ILE F 53 16.20 -5.97 -1.44
C ILE F 53 16.88 -7.31 -1.16
N ALA F 54 17.87 -7.31 -0.27
CA ALA F 54 18.75 -8.45 -0.12
C ALA F 54 18.03 -9.52 0.69
N VAL F 55 17.07 -9.07 1.50
CA VAL F 55 16.27 -9.96 2.32
C VAL F 55 15.62 -11.03 1.46
N ILE F 56 15.89 -12.28 1.77
CA ILE F 56 15.20 -13.36 1.09
C ILE F 56 13.88 -13.62 1.77
N VAL F 57 12.80 -13.42 1.03
CA VAL F 57 11.46 -13.58 1.56
C VAL F 57 10.78 -14.80 0.98
N THR F 58 10.57 -15.81 1.83
CA THR F 58 10.31 -17.15 1.34
C THR F 58 8.98 -17.63 1.89
N GLY F 59 8.06 -18.00 1.00
CA GLY F 59 6.64 -17.99 1.34
C GLY F 59 5.72 -18.26 0.17
N GLN F 60 4.53 -18.79 0.48
CA GLN F 60 3.52 -19.09 -0.53
C GLN F 60 2.43 -18.01 -0.48
N GLY F 61 2.31 -17.37 0.68
CA GLY F 61 1.25 -16.39 0.92
C GLY F 61 1.13 -15.33 -0.17
N GLU F 62 -0.10 -14.93 -0.45
CA GLU F 62 -0.39 -13.61 -0.98
C GLU F 62 0.35 -12.49 -0.27
N GLN F 63 0.35 -12.52 1.05
CA GLN F 63 1.03 -11.49 1.83
C GLN F 63 2.50 -11.58 1.49
N CYS F 64 2.90 -12.71 0.91
CA CYS F 64 4.31 -12.96 0.63
C CYS F 64 4.66 -12.47 -0.77
N GLU F 65 3.81 -12.78 -1.74
CA GLU F 65 4.00 -12.24 -3.06
C GLU F 65 3.95 -10.72 -3.00
N ARG F 66 3.15 -10.19 -2.09
CA ARG F 66 3.06 -8.75 -1.93
C ARG F 66 4.36 -8.21 -1.38
N ALA F 67 4.97 -8.94 -0.46
CA ALA F 67 6.23 -8.50 0.13
C ALA F 67 7.32 -8.51 -0.92
N ARG F 68 7.24 -9.45 -1.86
CA ARG F 68 8.23 -9.53 -2.91
C ARG F 68 7.99 -8.49 -3.99
N ARG F 69 6.72 -8.14 -4.19
CA ARG F 69 6.36 -7.03 -5.10
C ARG F 69 6.85 -5.69 -4.54
N LEU F 70 6.89 -5.57 -3.23
CA LEU F 70 7.43 -4.38 -2.57
C LEU F 70 8.90 -4.31 -2.86
N GLN F 71 9.56 -5.47 -2.80
CA GLN F 71 10.99 -5.55 -3.01
C GLN F 71 11.31 -5.15 -4.46
N ALA F 72 10.44 -5.55 -5.38
CA ALA F 72 10.60 -5.21 -6.77
C ALA F 72 10.53 -3.69 -6.88
N LYS F 73 9.70 -3.10 -6.03
CA LYS F 73 9.46 -1.66 -6.12
C LYS F 73 10.68 -0.93 -5.62
N MET F 74 11.26 -1.43 -4.53
CA MET F 74 12.47 -0.88 -3.99
C MET F 74 13.58 -0.93 -5.07
N MET F 75 13.63 -2.05 -5.77
CA MET F 75 14.60 -2.19 -6.84
C MET F 75 14.44 -1.06 -7.84
N THR F 76 13.20 -0.66 -8.10
CA THR F 76 12.92 0.33 -9.14
C THR F 76 13.41 1.70 -8.71
N ASN F 77 13.25 1.99 -7.42
CA ASN F 77 13.69 3.26 -6.90
C ASN F 77 15.18 3.26 -6.60
N LEU F 78 15.74 2.08 -6.33
CA LEU F 78 17.19 1.96 -6.17
C LEU F 78 17.89 2.42 -7.44
N VAL F 79 17.40 1.93 -8.57
CA VAL F 79 17.93 2.28 -9.86
C VAL F 79 17.76 3.76 -10.17
N MET F 80 16.55 4.27 -9.93
CA MET F 80 16.28 5.67 -10.18
C MET F 80 17.13 6.54 -9.29
N ALA F 81 17.27 6.15 -8.03
CA ALA F 81 17.99 6.97 -7.08
C ALA F 81 19.46 7.02 -7.47
N LYS F 82 20.02 5.86 -7.80
CA LYS F 82 21.41 5.79 -8.18
C LYS F 82 21.64 6.70 -9.38
N ASP F 83 20.69 6.63 -10.31
CA ASP F 83 20.77 7.43 -11.52
C ASP F 83 20.92 8.90 -11.17
N ARG F 84 20.10 9.34 -10.23
CA ARG F 84 20.04 10.74 -9.87
C ARG F 84 21.32 11.14 -9.14
N LEU F 85 21.79 10.25 -8.28
CA LEU F 85 23.10 10.39 -7.64
C LEU F 85 24.20 10.80 -8.61
N GLN F 86 23.98 10.60 -9.92
CA GLN F 86 24.75 11.36 -10.93
C GLN F 86 24.52 12.86 -10.78
N LEU F 87 24.88 13.35 -9.61
CA LEU F 87 24.78 14.76 -9.24
C LEU F 87 26.22 15.22 -9.02
N GLN G 1 -0.24 14.67 -12.11
CA GLN G 1 0.81 15.64 -11.68
C GLN G 1 0.94 15.68 -10.17
N VAL G 2 -0.19 15.87 -9.48
CA VAL G 2 -0.19 16.06 -8.01
C VAL G 2 0.38 14.85 -7.29
N ASP G 3 1.20 15.11 -6.26
CA ASP G 3 1.75 14.03 -5.48
C ASP G 3 0.64 13.05 -5.08
N MET G 4 0.85 11.79 -5.39
CA MET G 4 -0.20 10.79 -5.23
C MET G 4 -0.70 10.75 -3.80
N LEU G 5 0.18 11.05 -2.84
CA LEU G 5 -0.23 11.03 -1.43
C LEU G 5 -1.07 12.24 -1.03
N LEU G 6 -0.87 13.35 -1.73
CA LEU G 6 -1.86 14.42 -1.70
C LEU G 6 -3.21 14.01 -2.26
N GLN G 7 -3.23 13.51 -3.50
CA GLN G 7 -4.44 12.96 -4.09
C GLN G 7 -5.21 12.18 -3.02
N GLU G 8 -4.52 11.29 -2.32
CA GLU G 8 -5.21 10.41 -1.42
C GLU G 8 -5.86 11.13 -0.24
N MET G 9 -5.20 12.16 0.27
CA MET G 9 -5.80 12.95 1.33
C MET G 9 -6.99 13.73 0.80
N ALA G 10 -6.79 14.38 -0.34
CA ALA G 10 -7.88 15.02 -1.05
C ALA G 10 -9.08 14.10 -1.11
N ASP G 11 -8.88 12.94 -1.73
CA ASP G 11 -9.98 12.09 -2.11
C ASP G 11 -10.68 11.71 -0.83
N GLU G 12 -9.87 11.53 0.22
CA GLU G 12 -10.37 11.04 1.47
C GLU G 12 -11.31 12.03 2.13
N ALA G 13 -10.99 13.31 1.99
CA ALA G 13 -11.76 14.37 2.62
C ALA G 13 -12.73 15.05 1.64
N GLY G 14 -12.94 14.42 0.49
CA GLY G 14 -13.74 15.00 -0.59
C GLY G 14 -13.38 16.43 -0.97
N LEU G 15 -12.22 16.61 -1.59
CA LEU G 15 -11.79 17.94 -1.98
C LEU G 15 -11.16 18.01 -3.37
N ASP G 16 -10.83 19.24 -3.81
CA ASP G 16 -10.56 19.54 -5.21
C ASP G 16 -11.37 18.66 -6.18
N THR G 26 -5.16 9.89 -13.82
CA THR G 26 -4.93 9.02 -14.98
C THR G 26 -3.50 8.48 -15.04
N GLY G 27 -3.33 7.40 -15.80
CA GLY G 27 -2.01 6.79 -15.97
C GLY G 27 -1.67 5.74 -14.92
N SER G 28 -0.39 5.42 -14.81
CA SER G 28 0.07 4.43 -13.84
C SER G 28 0.02 4.99 -12.41
N VAL G 29 0.03 6.31 -12.30
CA VAL G 29 0.00 6.94 -10.99
C VAL G 29 -1.42 6.92 -10.45
N GLY G 30 -2.38 7.19 -11.32
CA GLY G 30 -3.78 7.14 -10.92
C GLY G 30 -4.16 5.77 -10.37
N THR G 31 -3.53 4.74 -10.91
CA THR G 31 -3.83 3.38 -10.51
C THR G 31 -3.26 3.10 -9.13
N SER G 32 -2.05 3.61 -8.87
CA SER G 32 -1.48 3.55 -7.53
C SER G 32 -2.36 4.23 -6.51
N VAL G 33 -3.07 5.28 -6.92
CA VAL G 33 -3.87 6.05 -5.99
C VAL G 33 -5.04 5.18 -5.61
N ALA G 34 -5.66 4.59 -6.63
CA ALA G 34 -6.90 3.88 -6.44
C ALA G 34 -6.60 2.62 -5.65
N SER G 35 -5.49 1.99 -5.99
CA SER G 35 -5.09 0.77 -5.31
C SER G 35 -4.94 1.01 -3.81
N ALA G 36 -4.26 2.10 -3.46
CA ALA G 36 -4.04 2.41 -2.05
C ALA G 36 -5.36 2.79 -1.38
N GLU G 37 -6.22 3.47 -2.12
CA GLU G 37 -7.47 3.93 -1.56
C GLU G 37 -8.41 2.75 -1.23
N GLN G 38 -8.52 1.80 -2.16
CA GLN G 38 -9.12 0.50 -1.87
C GLN G 38 -8.60 -0.20 -0.62
N ASP G 39 -7.28 -0.25 -0.45
CA ASP G 39 -6.72 -0.92 0.72
C ASP G 39 -7.24 -0.23 1.97
N GLU G 40 -7.39 1.08 1.87
CA GLU G 40 -7.84 1.86 3.02
C GLU G 40 -9.29 1.54 3.35
N LEU G 41 -10.16 1.63 2.35
CA LEU G 41 -11.51 1.06 2.44
C LEU G 41 -11.52 -0.31 3.12
N SER G 42 -10.72 -1.26 2.63
CA SER G 42 -10.72 -2.59 3.24
C SER G 42 -10.36 -2.56 4.72
N GLN G 43 -9.32 -1.80 5.09
CA GLN G 43 -8.96 -1.65 6.50
C GLN G 43 -10.12 -1.03 7.26
N ARG G 44 -10.77 -0.06 6.63
CA ARG G 44 -11.76 0.75 7.30
C ARG G 44 -13.04 -0.05 7.55
N LEU G 45 -13.41 -0.89 6.59
CA LEU G 45 -14.58 -1.76 6.73
C LEU G 45 -14.32 -2.86 7.77
N ALA G 46 -13.14 -3.46 7.70
CA ALA G 46 -12.83 -4.56 8.59
C ALA G 46 -12.80 -4.07 10.04
N ARG G 47 -12.45 -2.81 10.23
CA ARG G 47 -12.45 -2.25 11.57
C ARG G 47 -13.86 -2.26 12.14
N LEU G 48 -14.85 -2.24 11.26
CA LEU G 48 -16.24 -2.00 11.67
C LEU G 48 -16.78 -3.20 12.41
N ARG G 49 -16.24 -4.37 12.11
CA ARG G 49 -16.36 -5.54 12.97
C ARG G 49 -15.40 -5.57 14.17
N ASP H 3 -32.08 -34.46 -10.98
CA ASP H 3 -32.32 -35.20 -9.70
C ASP H 3 -31.86 -34.30 -8.55
N MET H 4 -32.26 -33.03 -8.63
CA MET H 4 -31.54 -31.91 -8.02
C MET H 4 -30.81 -32.27 -6.72
N LEU H 5 -31.59 -32.63 -5.69
CA LEU H 5 -31.07 -32.63 -4.33
C LEU H 5 -30.15 -33.83 -4.17
N LEU H 6 -30.46 -34.91 -4.89
CA LEU H 6 -29.53 -35.99 -5.09
C LEU H 6 -28.20 -35.52 -5.67
N GLN H 7 -28.27 -34.71 -6.71
CA GLN H 7 -27.10 -34.24 -7.44
C GLN H 7 -26.16 -33.46 -6.51
N GLU H 8 -26.77 -32.68 -5.63
CA GLU H 8 -26.05 -32.01 -4.58
C GLU H 8 -25.30 -32.97 -3.66
N MET H 9 -25.98 -34.01 -3.20
CA MET H 9 -25.39 -34.96 -2.28
C MET H 9 -24.20 -35.60 -2.96
N ALA H 10 -24.40 -36.02 -4.20
CA ALA H 10 -23.30 -36.57 -4.97
C ALA H 10 -22.12 -35.61 -4.97
N ASP H 11 -22.39 -34.36 -5.33
CA ASP H 11 -21.31 -33.39 -5.53
C ASP H 11 -20.55 -33.18 -4.24
N GLU H 12 -21.28 -32.99 -3.16
CA GLU H 12 -20.65 -32.79 -1.87
C GLU H 12 -19.76 -33.98 -1.54
N ALA H 13 -20.21 -35.17 -1.92
CA ALA H 13 -19.45 -36.39 -1.66
C ALA H 13 -18.44 -36.64 -2.78
N GLY H 14 -18.20 -35.62 -3.58
CA GLY H 14 -17.48 -35.80 -4.84
C GLY H 14 -17.78 -37.11 -5.55
N LEU H 15 -19.00 -37.27 -6.03
CA LEU H 15 -19.33 -38.44 -6.86
C LEU H 15 -19.85 -38.09 -8.25
N ASP H 16 -19.98 -39.12 -9.08
CA ASP H 16 -20.50 -38.94 -10.45
C ASP H 16 -21.96 -39.32 -10.58
N THR H 26 -29.91 -29.33 -18.76
CA THR H 26 -29.06 -28.90 -17.65
C THR H 26 -29.42 -27.49 -17.21
N GLY H 27 -29.59 -26.60 -18.20
CA GLY H 27 -30.02 -25.23 -17.98
C GLY H 27 -30.41 -24.88 -16.55
N SER H 28 -31.72 -24.71 -16.34
CA SER H 28 -32.20 -24.04 -15.15
C SER H 28 -31.87 -24.89 -13.93
N VAL H 29 -31.83 -26.20 -14.14
CA VAL H 29 -31.68 -27.13 -13.02
C VAL H 29 -30.22 -27.16 -12.57
N GLY H 30 -29.32 -27.27 -13.54
CA GLY H 30 -27.89 -26.97 -13.35
C GLY H 30 -27.63 -25.69 -12.56
N THR H 31 -28.28 -24.62 -12.97
CA THR H 31 -28.07 -23.37 -12.28
C THR H 31 -28.54 -23.46 -10.84
N SER H 32 -29.63 -24.20 -10.62
CA SER H 32 -30.22 -24.28 -9.29
C SER H 32 -29.30 -25.05 -8.36
N VAL H 33 -28.76 -26.16 -8.89
CA VAL H 33 -27.79 -26.96 -8.18
C VAL H 33 -26.57 -26.12 -7.82
N ALA H 34 -25.98 -25.45 -8.81
CA ALA H 34 -24.77 -24.68 -8.57
C ALA H 34 -25.02 -23.61 -7.53
N SER H 35 -26.25 -23.08 -7.54
CA SER H 35 -26.57 -22.01 -6.63
C SER H 35 -26.75 -22.50 -5.20
N ALA H 36 -27.45 -23.61 -5.05
CA ALA H 36 -27.65 -24.22 -3.72
C ALA H 36 -26.30 -24.60 -3.07
N GLU H 37 -25.44 -25.20 -3.89
CA GLU H 37 -24.03 -25.43 -3.56
C GLU H 37 -23.20 -24.21 -3.14
N GLN H 38 -23.23 -23.14 -3.92
CA GLN H 38 -22.55 -21.93 -3.50
C GLN H 38 -23.07 -21.46 -2.16
N ASP H 39 -24.37 -21.58 -1.95
CA ASP H 39 -24.97 -21.13 -0.69
C ASP H 39 -24.37 -21.94 0.44
N GLU H 40 -24.17 -23.22 0.18
CA GLU H 40 -23.64 -24.12 1.17
C GLU H 40 -22.17 -23.81 1.48
N LEU H 41 -21.37 -23.61 0.42
CA LEU H 41 -20.01 -23.07 0.57
C LEU H 41 -19.94 -21.95 1.61
N SER H 42 -20.71 -20.90 1.39
CA SER H 42 -20.78 -19.78 2.33
C SER H 42 -21.12 -20.21 3.76
N GLN H 43 -22.09 -21.12 3.90
CA GLN H 43 -22.52 -21.52 5.24
C GLN H 43 -21.30 -22.10 5.95
N ARG H 44 -20.57 -22.92 5.21
CA ARG H 44 -19.39 -23.59 5.75
C ARG H 44 -18.27 -22.60 6.00
N LEU H 45 -17.94 -21.80 5.00
CA LEU H 45 -16.89 -20.81 5.19
C LEU H 45 -17.22 -19.93 6.39
N ALA H 46 -18.48 -19.50 6.48
CA ALA H 46 -18.89 -18.71 7.64
C ALA H 46 -18.61 -19.46 8.95
N ARG H 47 -18.87 -20.76 8.96
CA ARG H 47 -18.88 -21.47 10.22
C ARG H 47 -17.44 -21.56 10.70
N LEU H 48 -16.53 -21.88 9.78
CA LEU H 48 -15.11 -21.89 10.07
C LEU H 48 -14.72 -20.56 10.73
N ARG H 49 -15.14 -19.47 10.09
CA ARG H 49 -14.78 -18.14 10.56
C ARG H 49 -15.36 -17.85 11.95
N ASP H 50 -15.37 -18.86 12.81
CA ASP H 50 -15.96 -18.69 14.14
C ASP H 50 -15.57 -19.80 15.13
N GLN I 1 70.96 -9.92 10.88
CA GLN I 1 71.98 -9.60 9.85
C GLN I 1 72.58 -10.86 9.22
N VAL I 2 71.71 -11.76 8.77
CA VAL I 2 72.14 -12.98 8.11
C VAL I 2 72.38 -12.78 6.61
N ASP I 3 73.35 -13.50 6.06
CA ASP I 3 73.71 -13.27 4.68
C ASP I 3 72.48 -13.27 3.76
N MET I 4 72.40 -12.24 2.94
CA MET I 4 71.24 -12.02 2.10
C MET I 4 70.89 -13.19 1.18
N LEU I 5 71.90 -13.86 0.64
CA LEU I 5 71.64 -14.97 -0.26
C LEU I 5 71.13 -16.21 0.48
N LEU I 6 71.63 -16.43 1.68
CA LEU I 6 71.03 -17.40 2.57
C LEU I 6 69.57 -17.03 2.86
N GLN I 7 69.35 -15.80 3.31
CA GLN I 7 67.99 -15.36 3.56
C GLN I 7 67.09 -15.79 2.42
N GLU I 8 67.59 -15.71 1.18
CA GLU I 8 66.71 -15.88 0.04
C GLU I 8 66.40 -17.34 -0.17
N MET I 9 67.45 -18.15 -0.05
CA MET I 9 67.32 -19.59 -0.16
C MET I 9 66.29 -20.08 0.87
N ALA I 10 66.54 -19.77 2.14
CA ALA I 10 65.54 -19.89 3.19
C ALA I 10 64.11 -19.56 2.73
N ASP I 11 63.87 -18.30 2.34
CA ASP I 11 62.52 -17.83 2.00
C ASP I 11 61.94 -18.68 0.86
N GLU I 12 62.72 -18.82 -0.19
CA GLU I 12 62.39 -19.75 -1.25
C GLU I 12 61.76 -21.00 -0.66
N ALA I 13 62.49 -21.62 0.26
CA ALA I 13 62.25 -23.02 0.58
C ALA I 13 61.20 -23.13 1.68
N GLY I 14 60.96 -22.01 2.38
CA GLY I 14 59.99 -21.99 3.46
C GLY I 14 60.60 -22.35 4.80
N LEU I 15 61.93 -22.31 4.86
CA LEU I 15 62.62 -22.53 6.12
C LEU I 15 62.86 -21.21 6.85
N ASP I 16 62.90 -21.25 8.17
CA ASP I 16 63.13 -20.03 8.95
C ASP I 16 64.54 -19.91 9.52
N LEU I 17 64.89 -18.69 9.93
CA LEU I 17 66.25 -18.34 10.36
C LEU I 17 67.30 -18.88 9.39
N GLY I 27 66.77 -3.27 6.67
CA GLY I 27 66.71 -1.95 6.05
C GLY I 27 66.98 -2.02 4.56
N SER I 28 68.07 -1.40 4.13
CA SER I 28 68.73 -1.77 2.88
C SER I 28 68.74 -3.28 2.60
N VAL I 29 69.14 -4.05 3.60
CA VAL I 29 69.26 -5.48 3.46
C VAL I 29 67.92 -6.14 3.12
N GLY I 30 66.91 -5.87 3.95
CA GLY I 30 65.55 -6.33 3.70
C GLY I 30 65.07 -6.00 2.30
N THR I 31 65.31 -4.75 1.89
CA THR I 31 64.96 -4.34 0.55
C THR I 31 65.65 -5.13 -0.56
N SER I 32 66.93 -5.41 -0.38
CA SER I 32 67.64 -6.24 -1.36
C SER I 32 67.10 -7.66 -1.39
N VAL I 33 66.87 -8.24 -0.22
CA VAL I 33 66.32 -9.58 -0.14
C VAL I 33 64.99 -9.58 -0.89
N ALA I 34 64.15 -8.59 -0.62
CA ALA I 34 62.82 -8.57 -1.22
C ALA I 34 62.82 -8.38 -2.74
N SER I 35 63.70 -7.51 -3.23
CA SER I 35 63.79 -7.29 -4.67
C SER I 35 64.28 -8.52 -5.38
N ALA I 36 65.22 -9.22 -4.77
CA ALA I 36 65.73 -10.42 -5.41
C ALA I 36 64.59 -11.43 -5.50
N GLU I 37 63.78 -11.49 -4.45
CA GLU I 37 62.66 -12.40 -4.41
C GLU I 37 61.52 -12.04 -5.38
N GLN I 38 61.16 -10.76 -5.47
CA GLN I 38 60.20 -10.33 -6.49
C GLN I 38 60.67 -10.67 -7.89
N ASP I 39 61.98 -10.61 -8.13
CA ASP I 39 62.49 -10.94 -9.47
C ASP I 39 62.35 -12.42 -9.77
N GLU I 40 62.49 -13.24 -8.74
CA GLU I 40 62.42 -14.68 -8.92
C GLU I 40 60.98 -15.15 -9.23
N LEU I 41 60.00 -14.52 -8.60
CA LEU I 41 58.59 -14.73 -8.96
C LEU I 41 58.39 -14.44 -10.43
N SER I 42 58.89 -13.28 -10.87
CA SER I 42 58.70 -12.86 -12.26
C SER I 42 59.28 -13.90 -13.20
N GLN I 43 60.41 -14.45 -12.80
CA GLN I 43 61.05 -15.52 -13.59
C GLN I 43 60.20 -16.78 -13.57
N ARG I 44 59.79 -17.18 -12.37
CA ARG I 44 59.00 -18.40 -12.20
C ARG I 44 57.69 -18.27 -12.97
N LEU I 45 56.97 -17.18 -12.73
CA LEU I 45 55.70 -16.96 -13.43
C LEU I 45 55.88 -16.98 -14.94
N ALA I 46 56.79 -16.16 -15.44
CA ALA I 46 57.02 -16.10 -16.88
C ALA I 46 57.24 -17.49 -17.41
N ARG I 47 57.88 -18.33 -16.61
CA ARG I 47 58.27 -19.65 -17.09
C ARG I 47 57.02 -20.46 -17.37
N LEU I 48 56.00 -20.21 -16.56
CA LEU I 48 54.75 -20.93 -16.69
C LEU I 48 53.99 -20.45 -17.92
N ARG I 49 53.72 -19.15 -17.94
CA ARG I 49 53.36 -18.45 -19.17
C ARG I 49 53.91 -19.11 -20.44
N ASP I 50 54.80 -20.09 -20.26
CA ASP I 50 55.39 -20.80 -21.40
C ASP I 50 55.60 -19.82 -22.55
N GLN J 1 31.46 53.34 42.17
CA GLN J 1 30.74 52.23 41.48
C GLN J 1 31.44 50.88 41.66
N VAL J 2 30.69 49.87 42.08
CA VAL J 2 31.29 48.61 42.49
C VAL J 2 31.45 47.64 41.33
N ASP J 3 32.40 46.72 41.46
CA ASP J 3 32.75 45.80 40.38
C ASP J 3 31.50 45.18 39.79
N MET J 4 31.41 45.21 38.47
CA MET J 4 30.22 44.72 37.82
C MET J 4 29.96 43.25 38.04
N LEU J 5 31.01 42.44 38.12
CA LEU J 5 30.86 41.00 38.33
C LEU J 5 30.19 40.76 39.67
N LEU J 6 30.55 41.58 40.65
CA LEU J 6 29.90 41.56 41.94
C LEU J 6 28.42 41.98 41.84
N GLN J 7 28.18 43.11 41.19
CA GLN J 7 26.83 43.65 41.03
C GLN J 7 25.93 42.58 40.44
N GLU J 8 26.45 41.88 39.45
CA GLU J 8 25.72 40.78 38.87
C GLU J 8 25.35 39.71 39.90
N MET J 9 26.32 39.27 40.69
CA MET J 9 26.07 38.16 41.59
C MET J 9 25.10 38.58 42.69
N ALA J 10 25.27 39.79 43.18
CA ALA J 10 24.29 40.41 44.07
C ALA J 10 22.87 40.35 43.51
N ASP J 11 22.70 40.73 42.24
CA ASP J 11 21.36 40.87 41.68
C ASP J 11 20.61 39.54 41.76
N GLU J 12 21.08 38.64 42.62
CA GLU J 12 20.19 37.73 43.34
C GLU J 12 19.65 38.29 44.65
N ALA J 13 20.14 37.75 45.76
CA ALA J 13 19.92 38.43 47.05
C ALA J 13 21.02 39.45 47.40
N GLY J 14 20.73 40.72 47.19
CA GLY J 14 21.53 41.77 47.86
C GLY J 14 21.26 43.13 47.25
N LEU J 15 21.14 44.13 48.12
CA LEU J 15 21.32 45.52 47.73
C LEU J 15 22.76 45.98 47.90
N ASP J 16 23.17 46.94 47.07
CA ASP J 16 24.49 47.55 47.21
C ASP J 16 25.59 46.48 47.28
N GLY J 27 26.34 53.79 33.80
CA GLY J 27 25.88 54.02 32.43
C GLY J 27 26.32 52.91 31.50
N SER J 28 27.54 53.02 30.99
CA SER J 28 28.12 51.94 30.23
C SER J 28 28.18 50.68 31.09
N VAL J 29 28.57 50.86 32.35
CA VAL J 29 28.64 49.74 33.29
C VAL J 29 27.27 49.11 33.53
N GLY J 30 26.28 49.97 33.76
CA GLY J 30 24.89 49.53 33.92
C GLY J 30 24.46 48.65 32.78
N THR J 31 24.80 49.08 31.56
CA THR J 31 24.39 48.35 30.39
C THR J 31 25.05 46.99 30.32
N SER J 32 26.33 46.92 30.66
CA SER J 32 27.03 45.64 30.57
C SER J 32 26.44 44.69 31.58
N VAL J 33 26.25 45.20 32.79
CA VAL J 33 25.60 44.45 33.84
C VAL J 33 24.26 43.89 33.39
N ALA J 34 23.48 44.73 32.69
CA ALA J 34 22.12 44.30 32.30
C ALA J 34 22.17 43.25 31.21
N SER J 35 23.16 43.34 30.33
CA SER J 35 23.28 42.33 29.29
C SER J 35 23.70 40.98 29.84
N ALA J 36 24.67 41.00 30.75
CA ALA J 36 25.12 39.76 31.36
C ALA J 36 23.93 39.07 32.05
N GLU J 37 23.15 39.85 32.79
CA GLU J 37 21.90 39.37 33.38
C GLU J 37 20.83 38.81 32.42
N GLN J 38 20.46 39.57 31.40
CA GLN J 38 19.59 39.02 30.37
C GLN J 38 20.12 37.73 29.76
N ASP J 39 21.42 37.67 29.52
CA ASP J 39 21.99 36.47 28.92
C ASP J 39 21.91 35.30 29.90
N GLU J 40 21.87 35.63 31.18
CA GLU J 40 21.72 34.58 32.17
C GLU J 40 20.29 34.07 32.25
N LEU J 41 19.32 34.97 32.18
CA LEU J 41 17.93 34.52 32.00
C LEU J 41 17.81 33.56 30.82
N SER J 42 18.22 34.00 29.64
CA SER J 42 18.11 33.14 28.46
C SER J 42 18.66 31.76 28.75
N GLN J 43 19.72 31.70 29.54
CA GLN J 43 20.40 30.42 29.76
C GLN J 43 19.54 29.56 30.67
N ARG J 44 19.03 30.19 31.72
CA ARG J 44 18.30 29.48 32.76
C ARG J 44 16.97 28.95 32.26
N LEU J 45 16.40 29.65 31.27
CA LEU J 45 15.22 29.15 30.58
C LEU J 45 15.55 28.06 29.56
N ALA J 46 16.45 27.15 29.93
CA ALA J 46 16.50 25.85 29.26
C ALA J 46 16.33 24.68 30.25
N ARG J 47 15.14 24.08 30.21
CA ARG J 47 15.01 22.64 30.49
C ARG J 47 14.58 21.85 29.26
N VAL K 2 -72.00 -1.49 -22.20
CA VAL K 2 -71.67 -2.12 -23.52
C VAL K 2 -71.58 -3.64 -23.44
N ASP K 3 -72.13 -4.32 -24.44
CA ASP K 3 -72.25 -5.76 -24.33
C ASP K 3 -70.91 -6.44 -24.08
N MET K 4 -70.88 -7.22 -22.99
CA MET K 4 -69.77 -8.09 -22.64
C MET K 4 -69.03 -8.62 -23.84
N LEU K 5 -69.71 -9.49 -24.57
CA LEU K 5 -69.11 -10.18 -25.71
C LEU K 5 -68.62 -9.25 -26.81
N LEU K 6 -69.28 -8.12 -26.98
CA LEU K 6 -68.70 -7.12 -27.88
C LEU K 6 -67.39 -6.65 -27.28
N GLN K 7 -67.46 -6.20 -26.03
CA GLN K 7 -66.30 -5.80 -25.26
C GLN K 7 -65.09 -6.71 -25.47
N GLU K 8 -65.27 -8.02 -25.38
CA GLU K 8 -64.12 -8.92 -25.51
C GLU K 8 -63.56 -8.91 -26.93
N MET K 9 -64.43 -8.79 -27.91
CA MET K 9 -64.01 -8.77 -29.31
C MET K 9 -63.17 -7.53 -29.59
N ALA K 10 -63.67 -6.38 -29.16
CA ALA K 10 -62.91 -5.13 -29.19
C ALA K 10 -61.55 -5.27 -28.48
N ASP K 11 -61.56 -5.85 -27.28
CA ASP K 11 -60.36 -5.97 -26.46
C ASP K 11 -59.33 -6.88 -27.15
N GLU K 12 -59.82 -7.98 -27.70
CA GLU K 12 -58.99 -8.95 -28.40
C GLU K 12 -58.21 -8.25 -29.50
N ALA K 13 -58.96 -7.53 -30.33
CA ALA K 13 -58.42 -6.90 -31.52
C ALA K 13 -57.92 -5.48 -31.21
N GLY K 14 -57.77 -5.16 -29.94
CA GLY K 14 -57.39 -3.81 -29.55
C GLY K 14 -58.17 -2.75 -30.30
N LEU K 15 -59.28 -2.29 -29.70
CA LEU K 15 -60.07 -1.21 -30.31
C LEU K 15 -60.84 -0.42 -29.27
N ASP K 16 -60.91 0.89 -29.47
CA ASP K 16 -61.68 1.74 -28.57
C ASP K 16 -60.90 1.95 -27.26
N GLY K 27 -68.83 -3.23 -13.29
CA GLY K 27 -68.03 -3.74 -12.18
C GLY K 27 -68.03 -5.26 -12.11
N SER K 28 -69.14 -5.82 -11.64
CA SER K 28 -69.40 -7.24 -11.80
C SER K 28 -69.27 -7.69 -13.26
N VAL K 29 -69.64 -6.79 -14.17
CA VAL K 29 -69.57 -7.06 -15.60
C VAL K 29 -68.11 -6.99 -16.07
N GLY K 30 -67.39 -5.97 -15.60
CA GLY K 30 -65.96 -5.87 -15.89
C GLY K 30 -65.23 -7.16 -15.56
N THR K 31 -65.55 -7.71 -14.39
CA THR K 31 -64.91 -8.90 -13.91
C THR K 31 -65.20 -10.11 -14.80
N SER K 32 -66.36 -10.11 -15.43
CA SER K 32 -66.67 -11.20 -16.33
C SER K 32 -65.87 -11.14 -17.61
N VAL K 33 -65.73 -9.93 -18.17
CA VAL K 33 -64.99 -9.81 -19.43
C VAL K 33 -63.51 -10.12 -19.20
N ALA K 34 -63.00 -9.61 -18.09
CA ALA K 34 -61.63 -9.93 -17.65
C ALA K 34 -61.44 -11.42 -17.41
N SER K 35 -62.40 -12.04 -16.75
CA SER K 35 -62.29 -13.46 -16.48
C SER K 35 -62.43 -14.26 -17.79
N ALA K 36 -63.32 -13.84 -18.67
CA ALA K 36 -63.41 -14.50 -19.97
C ALA K 36 -62.12 -14.30 -20.77
N GLU K 37 -61.52 -13.12 -20.63
CA GLU K 37 -60.26 -12.82 -21.32
C GLU K 37 -59.02 -13.60 -20.79
N GLN K 38 -58.88 -13.70 -19.48
CA GLN K 38 -57.86 -14.59 -18.94
C GLN K 38 -57.97 -16.01 -19.49
N ASP K 39 -59.19 -16.50 -19.64
CA ASP K 39 -59.39 -17.89 -20.02
C ASP K 39 -58.86 -18.07 -21.40
N GLU K 40 -59.19 -17.11 -22.26
CA GLU K 40 -58.75 -17.09 -23.64
C GLU K 40 -57.23 -17.07 -23.74
N LEU K 41 -56.58 -16.27 -22.90
CA LEU K 41 -55.12 -16.33 -22.80
C LEU K 41 -54.67 -17.74 -22.55
N SER K 42 -55.29 -18.41 -21.57
CA SER K 42 -54.78 -19.73 -21.18
C SER K 42 -54.85 -20.67 -22.37
N GLN K 43 -55.97 -20.58 -23.09
CA GLN K 43 -56.16 -21.39 -24.28
C GLN K 43 -55.07 -21.09 -25.28
N ARG K 44 -54.82 -19.81 -25.49
CA ARG K 44 -53.97 -19.40 -26.59
C ARG K 44 -52.54 -19.73 -26.25
N LEU K 45 -52.23 -19.69 -24.96
CA LEU K 45 -50.91 -20.09 -24.47
C LEU K 45 -50.72 -21.59 -24.54
N ALA K 46 -51.82 -22.33 -24.59
CA ALA K 46 -51.76 -23.78 -24.72
C ALA K 46 -51.18 -24.19 -26.07
N ARG K 47 -50.74 -23.21 -26.86
CA ARG K 47 -49.73 -23.43 -27.91
C ARG K 47 -48.38 -23.94 -27.41
N LEU K 48 -48.27 -24.17 -26.10
CA LEU K 48 -47.17 -24.95 -25.57
C LEU K 48 -47.09 -26.34 -26.22
N ARG K 49 -47.88 -26.57 -27.25
CA ARG K 49 -47.93 -27.89 -27.88
C ARG K 49 -48.07 -27.86 -29.40
N GLN L 1 -5.30 -0.56 14.48
CA GLN L 1 -4.16 0.34 14.17
C GLN L 1 -4.57 1.54 13.34
N VAL L 2 -3.61 2.43 13.08
CA VAL L 2 -3.88 3.73 12.51
C VAL L 2 -4.26 3.59 11.05
N ASP L 3 -5.13 4.47 10.58
CA ASP L 3 -5.52 4.46 9.18
C ASP L 3 -4.28 4.60 8.26
N MET L 4 -4.11 3.61 7.39
CA MET L 4 -3.15 3.66 6.28
C MET L 4 -2.81 5.08 5.84
N LEU L 5 -3.80 5.77 5.27
CA LEU L 5 -3.54 7.00 4.53
C LEU L 5 -2.87 8.03 5.43
N LEU L 6 -3.23 7.99 6.71
CA LEU L 6 -2.54 8.78 7.72
C LEU L 6 -1.07 8.39 7.86
N GLN L 7 -0.82 7.12 8.15
CA GLN L 7 0.54 6.59 8.27
C GLN L 7 1.40 7.15 7.16
N GLU L 8 0.86 7.10 5.95
CA GLU L 8 1.50 7.68 4.80
C GLU L 8 1.76 9.19 4.83
N MET L 9 0.79 9.98 5.28
CA MET L 9 1.05 11.41 5.44
C MET L 9 2.09 11.62 6.52
N ALA L 10 1.93 10.90 7.63
CA ALA L 10 2.90 10.94 8.72
C ALA L 10 4.33 10.67 8.24
N ASP L 11 4.52 9.55 7.56
CA ASP L 11 5.82 9.21 7.01
C ASP L 11 6.33 10.26 6.06
N GLU L 12 5.48 10.68 5.13
CA GLU L 12 5.87 11.69 4.16
C GLU L 12 6.50 12.89 4.87
N ALA L 13 5.96 13.24 6.04
CA ALA L 13 6.39 14.43 6.74
C ALA L 13 7.40 14.11 7.85
N GLY L 14 7.75 12.83 7.98
CA GLY L 14 8.53 12.36 9.12
C GLY L 14 7.94 12.75 10.46
N LEU L 15 6.82 12.12 10.83
CA LEU L 15 6.44 12.00 12.24
C LEU L 15 5.84 10.64 12.58
N GLY L 27 1.34 -5.19 9.52
CA GLY L 27 1.45 -6.52 8.91
C GLY L 27 1.15 -6.50 7.43
N SER L 28 -0.07 -6.87 7.05
CA SER L 28 -0.53 -6.71 5.68
C SER L 28 -0.73 -5.23 5.36
N VAL L 29 -1.26 -4.51 6.34
CA VAL L 29 -1.42 -3.06 6.25
C VAL L 29 -0.06 -2.40 6.09
N GLY L 30 0.85 -2.71 7.02
CA GLY L 30 2.29 -2.52 6.80
C GLY L 30 2.70 -2.54 5.33
N THR L 31 2.38 -3.63 4.64
CA THR L 31 2.90 -3.84 3.30
C THR L 31 2.22 -2.89 2.31
N SER L 32 1.00 -2.50 2.66
CA SER L 32 0.25 -1.55 1.85
C SER L 32 0.81 -0.13 1.93
N VAL L 33 1.11 0.34 3.14
CA VAL L 33 1.66 1.69 3.30
C VAL L 33 2.99 1.76 2.54
N ALA L 34 3.80 0.73 2.72
CA ALA L 34 5.17 0.75 2.25
C ALA L 34 5.15 0.75 0.73
N SER L 35 4.21 -0.01 0.17
CA SER L 35 4.05 -0.04 -1.27
C SER L 35 3.59 1.30 -1.83
N ALA L 36 2.59 1.87 -1.19
CA ALA L 36 2.07 3.16 -1.59
C ALA L 36 3.19 4.22 -1.49
N GLU L 37 4.00 4.10 -0.43
CA GLU L 37 5.13 4.98 -0.23
C GLU L 37 6.25 4.79 -1.25
N GLN L 38 6.52 3.54 -1.63
CA GLN L 38 7.48 3.29 -2.70
C GLN L 38 7.02 3.87 -4.02
N ASP L 39 5.72 3.78 -4.29
CA ASP L 39 5.16 4.32 -5.53
C ASP L 39 5.32 5.84 -5.60
N GLU L 40 5.17 6.49 -4.44
CA GLU L 40 5.31 7.93 -4.37
C GLU L 40 6.73 8.41 -4.68
N LEU L 41 7.72 7.82 -4.00
CA LEU L 41 9.10 7.97 -4.42
C LEU L 41 9.25 7.88 -5.94
N SER L 42 8.76 6.81 -6.56
CA SER L 42 8.97 6.68 -8.01
C SER L 42 8.45 7.95 -8.66
N GLN L 43 7.25 8.37 -8.26
CA GLN L 43 6.59 9.50 -8.88
C GLN L 43 7.47 10.72 -8.71
N ARG L 44 7.92 10.93 -7.48
CA ARG L 44 8.63 12.14 -7.13
C ARG L 44 10.00 12.19 -7.81
N LEU L 45 10.66 11.04 -7.88
CA LEU L 45 11.91 10.91 -8.60
C LEU L 45 11.77 11.26 -10.07
N ALA L 46 10.65 10.86 -10.68
CA ALA L 46 10.48 11.10 -12.10
C ALA L 46 10.26 12.59 -12.32
N ARG L 47 9.62 13.23 -11.37
CA ARG L 47 9.28 14.64 -11.51
C ARG L 47 10.53 15.50 -11.57
N LEU L 48 11.69 14.85 -11.51
CA LEU L 48 12.94 15.58 -11.42
C LEU L 48 13.65 15.70 -12.76
#